data_8T25
#
_entry.id   8T25
#
_cell.length_a   1.00
_cell.length_b   1.00
_cell.length_c   1.00
_cell.angle_alpha   90.00
_cell.angle_beta   90.00
_cell.angle_gamma   90.00
#
_symmetry.space_group_name_H-M   'P 1'
#
loop_
_entity.id
_entity.type
_entity.pdbx_description
1 polymer 'Angiotensin-converting enzyme'
2 polymer 'Spike glycoprotein'
#
loop_
_entity_poly.entity_id
_entity_poly.type
_entity_poly.pdbx_seq_one_letter_code
_entity_poly.pdbx_strand_id
1 'polypeptide(L)'
;MLGSSWLLLSLAALTAAQSTTEDLAKTFLEKFNYEAEELSYQNSLASWNYNTNITDENIQKMNIAGAKWSAFYEEESQHA
KTYPLEEIQDPIIKRQLRALQQSGSSVLSADKRERLNTILNAMSTIYSTGKACNPNNPQECLLLEPGLDDIMENSKDYNE
RLWAWEGWRSEVGKQLRPLYEEYVALKNEMARANNYEDYGDYWRGDYEEEWADGYNYSRNQLIEDVEHTFTQIKPLYEHL
HAYVRAKLMDAYPSRISPTGCLPAHLLGDMWGRFWTNLYPLMVPFGQKPNIDVTDAMVNQSWDARRIFKEAEKFFVSVGL
PNMTEGFWQNSMLTEPGDNRKVVCHPTAWDLGKHDFRIKMCTKVTMDDFLTAHHEMGHIQYDMAYAAQPFLLRNGANEGF
HEAVGEIMSLSAATPNHLKNIGLLPPDFSEDSETDINFLLKQALTIVGTLPFTYMLEKWRWMVFKGEIPKEQWMQKWWEM
KRDIVGVVEPLPHDETYCDPAALFHVANDYSFIRYYTRTIYQFQFQEALCQIAKHEGPLYKCDISNSREAGQKLHEMLSL
GRSKPWTFALERVVGAKTMDVRPLLNYFEPLFTWLKEQNRNSFVGWNTDWSPYADQSIKVRISLKSALGEKAYEWNDNEM
YFFQSSIAYAMREYFSKVKKQTIPFVDKDVRVSDLKPRISFNFIVTSPENMSDIIPRADVEEAIRKSRGRINDAFRLDDN
SLEFLGIQPTLEPPYQPPVGSGSGSGHHHHHHGSGSGLNDIFEAQKIEWHE
;
A
2 'polypeptide(L)'
;QPTESIVRFPNITNLCPFGEVFNATRFASVYAWNRKRISNCVADYSVLYNSASFSTFKCYGVSPTKLNDLCFTNVYADSF
VIRGDEVRQIAPGQTGKIADYNYKLPDDFTGCVIAWNSNNLDSKVGGNYNYLFRLFRKSNLKPFERDISTEIYQAGSTPC
NGVEGFNCYFPLQSYGFQPTNGVGYQPYRVVVLSFELLHAPATVCGPK
;
B
#
# COMPACT_ATOMS: atom_id res chain seq x y z
N SER A 19 23.99 -21.25 -22.33
CA SER A 19 22.73 -21.14 -23.07
C SER A 19 21.55 -21.54 -22.21
N THR A 20 21.38 -20.86 -21.07
CA THR A 20 20.30 -21.16 -20.13
C THR A 20 19.37 -19.95 -20.04
N THR A 21 18.10 -20.17 -20.39
CA THR A 21 17.10 -19.13 -20.24
C THR A 21 16.96 -18.67 -18.80
N GLU A 22 17.31 -19.52 -17.84
CA GLU A 22 17.34 -19.10 -16.44
C GLU A 22 18.31 -17.95 -16.24
N ASP A 23 19.54 -18.10 -16.73
CA ASP A 23 20.54 -17.02 -16.59
C ASP A 23 20.15 -15.82 -17.44
N LEU A 24 19.57 -16.05 -18.62
CA LEU A 24 19.13 -14.93 -19.45
C LEU A 24 18.10 -14.09 -18.71
N ALA A 25 17.08 -14.73 -18.15
CA ALA A 25 16.09 -14.01 -17.36
C ALA A 25 16.71 -13.40 -16.11
N LYS A 26 17.71 -14.05 -15.55
CA LYS A 26 18.37 -13.53 -14.35
C LYS A 26 19.02 -12.17 -14.63
N THR A 27 19.81 -12.09 -15.71
CA THR A 27 20.44 -10.80 -16.03
C THR A 27 19.40 -9.78 -16.52
N PHE A 28 18.35 -10.25 -17.22
CA PHE A 28 17.26 -9.36 -17.59
C PHE A 28 16.67 -8.68 -16.36
N LEU A 29 16.29 -9.46 -15.35
CA LEU A 29 15.75 -8.90 -14.12
C LEU A 29 16.79 -8.07 -13.38
N GLU A 30 18.07 -8.45 -13.46
CA GLU A 30 19.11 -7.67 -12.81
C GLU A 30 19.17 -6.25 -13.34
N LYS A 31 19.05 -6.09 -14.66
CA LYS A 31 19.00 -4.73 -15.22
C LYS A 31 17.67 -4.04 -14.92
N PHE A 32 16.57 -4.79 -15.07
CA PHE A 32 15.24 -4.22 -14.92
C PHE A 32 15.02 -3.68 -13.51
N ASN A 33 15.65 -4.31 -12.51
CA ASN A 33 15.49 -3.85 -11.13
C ASN A 33 15.91 -2.39 -10.99
N TYR A 34 17.17 -2.08 -11.30
CA TYR A 34 17.67 -0.72 -11.17
C TYR A 34 16.91 0.23 -12.08
N GLU A 35 16.66 -0.18 -13.32
CA GLU A 35 15.96 0.69 -14.27
C GLU A 35 14.58 1.10 -13.75
N ALA A 36 13.77 0.11 -13.38
CA ALA A 36 12.42 0.40 -12.90
C ALA A 36 12.45 1.16 -11.59
N GLU A 37 13.41 0.85 -10.71
CA GLU A 37 13.49 1.55 -9.43
C GLU A 37 13.72 3.04 -9.64
N GLU A 38 14.69 3.40 -10.48
CA GLU A 38 14.98 4.81 -10.72
C GLU A 38 13.78 5.51 -11.33
N LEU A 39 13.18 4.89 -12.36
CA LEU A 39 12.04 5.54 -13.01
C LEU A 39 10.87 5.70 -12.05
N SER A 40 10.61 4.69 -11.22
CA SER A 40 9.50 4.76 -10.28
C SER A 40 9.71 5.84 -9.24
N TYR A 41 10.93 5.96 -8.72
CA TYR A 41 11.17 7.03 -7.74
C TYR A 41 10.94 8.39 -8.37
N GLN A 42 11.43 8.59 -9.60
CA GLN A 42 11.22 9.89 -10.24
C GLN A 42 9.72 10.18 -10.44
N ASN A 43 8.97 9.18 -10.91
CA ASN A 43 7.54 9.39 -11.14
C ASN A 43 6.80 9.67 -9.84
N SER A 44 7.13 8.95 -8.77
CA SER A 44 6.46 9.18 -7.50
C SER A 44 6.79 10.57 -6.95
N LEU A 45 8.03 11.02 -7.10
CA LEU A 45 8.38 12.36 -6.65
C LEU A 45 7.59 13.41 -7.42
N ALA A 46 7.47 13.23 -8.73
CA ALA A 46 6.68 14.17 -9.53
C ALA A 46 5.22 14.18 -9.10
N SER A 47 4.66 13.00 -8.84
CA SER A 47 3.25 12.92 -8.43
C SER A 47 3.02 13.61 -7.09
N TRP A 48 3.92 13.39 -6.13
CA TRP A 48 3.78 14.05 -4.83
C TRP A 48 3.90 15.56 -4.96
N ASN A 49 4.85 16.03 -5.79
CA ASN A 49 5.00 17.46 -5.99
C ASN A 49 3.74 18.06 -6.60
N TYR A 50 3.13 17.35 -7.55
CA TYR A 50 1.85 17.82 -8.10
C TYR A 50 0.76 17.84 -7.03
N ASN A 51 0.69 16.80 -6.21
CA ASN A 51 -0.41 16.69 -5.25
C ASN A 51 -0.32 17.73 -4.16
N THR A 52 0.89 18.14 -3.78
CA THR A 52 1.02 19.16 -2.74
C THR A 52 0.53 20.51 -3.24
N ASN A 53 0.97 20.93 -4.42
CA ASN A 53 0.58 22.21 -5.00
C ASN A 53 0.14 21.98 -6.44
N ILE A 54 -1.04 22.49 -6.78
CA ILE A 54 -1.66 22.26 -8.08
C ILE A 54 -1.31 23.42 -9.02
N THR A 55 -0.78 23.09 -10.19
CA THR A 55 -0.52 24.06 -11.25
C THR A 55 -0.73 23.40 -12.60
N ASP A 56 -0.91 24.23 -13.63
CA ASP A 56 -0.96 23.73 -14.99
C ASP A 56 0.36 23.08 -15.39
N GLU A 57 1.48 23.67 -14.97
CA GLU A 57 2.77 23.04 -15.21
C GLU A 57 2.85 21.69 -14.51
N ASN A 58 2.31 21.61 -13.29
CA ASN A 58 2.32 20.33 -12.56
C ASN A 58 1.50 19.27 -13.29
N ILE A 59 0.32 19.64 -13.81
CA ILE A 59 -0.46 18.64 -14.52
C ILE A 59 0.19 18.27 -15.85
N GLN A 60 0.91 19.21 -16.47
CA GLN A 60 1.70 18.85 -17.66
C GLN A 60 2.77 17.83 -17.33
N LYS A 61 3.47 18.03 -16.20
CA LYS A 61 4.46 17.04 -15.77
C LYS A 61 3.80 15.68 -15.51
N MET A 62 2.66 15.68 -14.83
CA MET A 62 1.90 14.45 -14.62
C MET A 62 1.63 13.73 -15.93
N ASN A 63 1.09 14.45 -16.92
CA ASN A 63 0.73 13.83 -18.19
C ASN A 63 1.96 13.26 -18.90
N ILE A 64 3.05 14.05 -18.96
CA ILE A 64 4.22 13.59 -19.71
C ILE A 64 4.86 12.39 -19.02
N ALA A 65 4.96 12.41 -17.67
CA ALA A 65 5.53 11.28 -16.95
C ALA A 65 4.67 10.04 -17.11
N GLY A 66 3.34 10.20 -17.05
CA GLY A 66 2.46 9.05 -17.21
C GLY A 66 2.58 8.43 -18.59
N ALA A 67 2.62 9.26 -19.64
CA ALA A 67 2.78 8.72 -20.99
C ALA A 67 4.12 8.02 -21.14
N LYS A 68 5.19 8.61 -20.60
CA LYS A 68 6.51 7.99 -20.70
C LYS A 68 6.54 6.64 -20.00
N TRP A 69 5.95 6.55 -18.79
CA TRP A 69 5.87 5.26 -18.13
C TRP A 69 5.02 4.25 -18.89
N SER A 70 3.88 4.69 -19.44
CA SER A 70 3.05 3.74 -20.18
C SER A 70 3.84 3.12 -21.33
N ALA A 71 4.47 3.97 -22.14
CA ALA A 71 5.25 3.46 -23.27
C ALA A 71 6.42 2.61 -22.81
N PHE A 72 7.13 3.06 -21.77
CA PHE A 72 8.31 2.36 -21.30
C PHE A 72 7.97 0.97 -20.76
N TYR A 73 6.91 0.88 -19.95
CA TYR A 73 6.51 -0.40 -19.40
C TYR A 73 6.00 -1.33 -20.49
N GLU A 74 5.26 -0.79 -21.47
CA GLU A 74 4.81 -1.62 -22.58
C GLU A 74 6.00 -2.20 -23.33
N GLU A 75 7.01 -1.37 -23.62
CA GLU A 75 8.19 -1.85 -24.32
C GLU A 75 8.94 -2.90 -23.50
N GLU A 76 9.10 -2.66 -22.20
CA GLU A 76 9.82 -3.61 -21.36
C GLU A 76 9.09 -4.95 -21.28
N SER A 77 7.77 -4.92 -21.14
CA SER A 77 7.00 -6.17 -21.12
C SER A 77 7.12 -6.90 -22.45
N GLN A 78 7.05 -6.18 -23.56
CA GLN A 78 7.17 -6.82 -24.87
C GLN A 78 8.54 -7.47 -25.03
N HIS A 79 9.60 -6.78 -24.57
CA HIS A 79 10.93 -7.36 -24.63
C HIS A 79 11.06 -8.58 -23.73
N ALA A 80 10.45 -8.53 -22.54
CA ALA A 80 10.54 -9.64 -21.59
C ALA A 80 9.66 -10.82 -21.97
N LYS A 81 8.74 -10.65 -22.92
CA LYS A 81 7.88 -11.74 -23.35
C LYS A 81 8.62 -12.83 -24.14
N THR A 82 9.94 -12.83 -24.25
CA THR A 82 10.68 -13.75 -25.11
C THR A 82 11.39 -14.84 -24.31
N TYR A 83 10.76 -15.32 -23.24
CA TYR A 83 11.31 -16.43 -22.47
C TYR A 83 10.21 -17.44 -22.16
N PRO A 84 10.55 -18.72 -22.06
CA PRO A 84 9.55 -19.74 -21.76
C PRO A 84 9.25 -19.81 -20.27
N LEU A 85 8.25 -20.63 -19.93
CA LEU A 85 7.83 -20.83 -18.55
C LEU A 85 7.77 -22.29 -18.14
N GLU A 86 7.84 -23.22 -19.07
CA GLU A 86 7.72 -24.64 -18.76
C GLU A 86 9.06 -25.30 -18.42
N GLU A 87 10.17 -24.58 -18.49
CA GLU A 87 11.48 -25.14 -18.22
C GLU A 87 12.26 -24.29 -17.22
N ILE A 88 11.56 -23.66 -16.28
CA ILE A 88 12.17 -22.88 -15.22
C ILE A 88 11.96 -23.62 -13.91
N GLN A 89 13.04 -23.77 -13.13
CA GLN A 89 13.01 -24.58 -11.92
C GLN A 89 12.90 -23.77 -10.64
N ASP A 90 13.61 -22.65 -10.53
CA ASP A 90 13.70 -21.92 -9.27
C ASP A 90 12.38 -21.22 -8.92
N PRO A 91 11.82 -21.44 -7.73
CA PRO A 91 10.60 -20.72 -7.34
C PRO A 91 10.65 -19.21 -7.56
N ILE A 92 11.69 -18.55 -7.04
CA ILE A 92 11.73 -17.09 -7.07
C ILE A 92 11.89 -16.56 -8.49
N ILE A 93 12.77 -17.17 -9.27
CA ILE A 93 12.96 -16.76 -10.66
C ILE A 93 11.67 -16.99 -11.44
N LYS A 94 11.00 -18.11 -11.20
CA LYS A 94 9.75 -18.39 -11.88
C LYS A 94 8.69 -17.35 -11.53
N ARG A 95 8.59 -16.98 -10.25
CA ARG A 95 7.61 -15.98 -9.84
C ARG A 95 7.89 -14.62 -10.46
N GLN A 96 9.17 -14.22 -10.48
CA GLN A 96 9.53 -12.96 -11.12
C GLN A 96 9.20 -12.99 -12.61
N LEU A 97 9.46 -14.11 -13.27
CA LEU A 97 9.15 -14.24 -14.69
C LEU A 97 7.64 -14.16 -14.93
N ARG A 98 6.85 -14.80 -14.07
CA ARG A 98 5.39 -14.70 -14.22
C ARG A 98 4.94 -13.25 -14.04
N ALA A 99 5.47 -12.56 -13.04
CA ALA A 99 5.07 -11.18 -12.78
C ALA A 99 5.41 -10.28 -13.97
N LEU A 100 6.60 -10.47 -14.56
CA LEU A 100 6.98 -9.64 -15.70
C LEU A 100 6.23 -10.03 -16.97
N GLN A 101 5.88 -11.31 -17.11
CA GLN A 101 5.22 -11.79 -18.31
C GLN A 101 3.74 -11.40 -18.35
N GLN A 102 3.09 -11.32 -17.19
CA GLN A 102 1.69 -10.91 -17.15
C GLN A 102 1.56 -9.50 -17.70
N SER A 103 0.95 -9.37 -18.87
CA SER A 103 0.88 -8.10 -19.58
C SER A 103 -0.51 -7.90 -20.17
N GLY A 104 -0.83 -6.64 -20.44
CA GLY A 104 -2.10 -6.28 -21.02
C GLY A 104 -1.97 -5.03 -21.86
N SER A 105 -3.06 -4.73 -22.59
CA SER A 105 -3.14 -3.56 -23.47
C SER A 105 -2.03 -3.57 -24.53
N SER A 106 -1.60 -4.76 -24.95
CA SER A 106 -0.56 -4.89 -25.97
C SER A 106 -1.02 -5.83 -27.08
N VAL A 107 -1.87 -6.78 -26.75
CA VAL A 107 -2.33 -7.75 -27.75
C VAL A 107 -3.21 -7.08 -28.79
N LEU A 108 -4.04 -6.13 -28.37
CA LEU A 108 -4.99 -5.50 -29.28
C LEU A 108 -4.26 -4.66 -30.33
N SER A 109 -4.89 -4.55 -31.49
CA SER A 109 -4.35 -3.73 -32.57
C SER A 109 -4.51 -2.24 -32.23
N ALA A 110 -3.91 -1.40 -33.08
CA ALA A 110 -3.92 0.05 -32.82
C ALA A 110 -5.34 0.61 -32.85
N ASP A 111 -6.15 0.20 -33.83
CA ASP A 111 -7.50 0.74 -33.94
C ASP A 111 -8.36 0.37 -32.74
N LYS A 112 -8.34 -0.92 -32.37
CA LYS A 112 -9.13 -1.36 -31.23
C LYS A 112 -8.64 -0.72 -29.94
N ARG A 113 -7.32 -0.59 -29.78
CA ARG A 113 -6.77 0.04 -28.59
C ARG A 113 -7.21 1.50 -28.49
N GLU A 114 -7.17 2.23 -29.61
CA GLU A 114 -7.60 3.62 -29.60
C GLU A 114 -9.09 3.73 -29.30
N ARG A 115 -9.90 2.83 -29.87
CA ARG A 115 -11.33 2.84 -29.57
C ARG A 115 -11.58 2.60 -28.08
N LEU A 116 -10.88 1.63 -27.49
CA LEU A 116 -11.04 1.36 -26.06
C LEU A 116 -10.62 2.55 -25.22
N ASN A 117 -9.50 3.19 -25.57
CA ASN A 117 -9.05 4.35 -24.81
C ASN A 117 -10.05 5.49 -24.89
N THR A 118 -10.60 5.74 -26.08
CA THR A 118 -11.60 6.79 -26.23
C THR A 118 -12.86 6.49 -25.43
N ILE A 119 -13.29 5.22 -25.43
CA ILE A 119 -14.48 4.83 -24.67
C ILE A 119 -14.25 5.05 -23.17
N LEU A 120 -13.09 4.63 -22.68
CA LEU A 120 -12.80 4.81 -21.26
C LEU A 120 -12.72 6.29 -20.88
N ASN A 121 -12.11 7.11 -21.74
CA ASN A 121 -12.07 8.54 -21.48
C ASN A 121 -13.46 9.14 -21.49
N ALA A 122 -14.34 8.65 -22.38
CA ALA A 122 -15.71 9.12 -22.41
C ALA A 122 -16.43 8.82 -21.10
N MET A 123 -16.25 7.61 -20.57
CA MET A 123 -16.79 7.32 -19.24
C MET A 123 -16.24 8.30 -18.20
N SER A 124 -14.91 8.43 -18.15
CA SER A 124 -14.29 9.23 -17.10
C SER A 124 -14.73 10.69 -17.18
N THR A 125 -15.10 11.17 -18.37
CA THR A 125 -15.57 12.54 -18.49
C THR A 125 -17.05 12.67 -18.15
N ILE A 126 -17.90 11.87 -18.82
CA ILE A 126 -19.34 12.10 -18.70
C ILE A 126 -19.88 11.66 -17.35
N TYR A 127 -19.22 10.72 -16.66
CA TYR A 127 -19.69 10.35 -15.33
C TYR A 127 -19.62 11.54 -14.37
N SER A 128 -18.52 12.29 -14.40
CA SER A 128 -18.40 13.47 -13.57
C SER A 128 -19.19 14.64 -14.13
N THR A 129 -19.36 14.71 -15.46
CA THR A 129 -20.04 15.86 -16.05
C THR A 129 -21.55 15.81 -15.82
N GLY A 130 -22.15 14.62 -15.92
CA GLY A 130 -23.60 14.53 -15.84
C GLY A 130 -24.13 14.80 -14.45
N LYS A 131 -25.22 15.54 -14.38
CA LYS A 131 -25.88 15.84 -13.12
C LYS A 131 -27.31 16.28 -13.40
N ALA A 132 -28.14 16.21 -12.36
CA ALA A 132 -29.55 16.57 -12.45
C ALA A 132 -29.86 17.72 -11.50
N CYS A 133 -30.95 18.41 -11.78
CA CYS A 133 -31.36 19.58 -11.00
C CYS A 133 -32.86 19.49 -10.74
N ASN A 134 -33.37 20.46 -9.99
CA ASN A 134 -34.78 20.44 -9.60
C ASN A 134 -35.66 20.95 -10.73
N PRO A 135 -36.67 20.18 -11.15
CA PRO A 135 -37.59 20.69 -12.18
C PRO A 135 -38.53 21.75 -11.66
N ASN A 136 -38.84 21.70 -10.36
CA ASN A 136 -39.75 22.69 -9.77
C ASN A 136 -39.12 24.08 -9.75
N ASN A 137 -37.84 24.17 -9.38
CA ASN A 137 -37.12 25.44 -9.36
C ASN A 137 -35.89 25.34 -10.25
N PRO A 138 -35.99 25.72 -11.52
CA PRO A 138 -34.84 25.59 -12.43
C PRO A 138 -33.62 26.39 -12.00
N GLN A 139 -33.82 27.55 -11.35
CA GLN A 139 -32.69 28.41 -11.01
C GLN A 139 -31.81 27.78 -9.93
N GLU A 140 -32.42 27.16 -8.93
CA GLU A 140 -31.68 26.69 -7.75
C GLU A 140 -31.25 25.25 -7.98
N CYS A 141 -29.97 25.05 -8.26
CA CYS A 141 -29.34 23.74 -8.30
C CYS A 141 -27.83 23.93 -8.39
N LEU A 142 -27.09 23.14 -7.64
CA LEU A 142 -25.63 23.24 -7.57
C LEU A 142 -25.00 21.94 -8.06
N LEU A 143 -23.67 21.86 -7.94
CA LEU A 143 -22.94 20.70 -8.38
C LEU A 143 -23.20 19.51 -7.43
N LEU A 144 -22.76 18.33 -7.88
CA LEU A 144 -22.99 17.11 -7.11
C LEU A 144 -22.27 17.13 -5.78
N GLU A 145 -21.03 17.66 -5.75
CA GLU A 145 -20.18 17.48 -4.58
C GLU A 145 -20.77 18.10 -3.32
N PRO A 146 -21.01 19.42 -3.24
CA PRO A 146 -21.60 19.96 -2.00
C PRO A 146 -23.11 19.80 -1.92
N GLY A 147 -23.78 19.99 -3.04
CA GLY A 147 -25.23 20.13 -3.05
C GLY A 147 -25.99 18.86 -2.74
N LEU A 148 -25.90 17.87 -3.63
CA LEU A 148 -26.64 16.63 -3.43
C LEU A 148 -26.16 15.88 -2.21
N ASP A 149 -24.86 15.95 -1.90
CA ASP A 149 -24.35 15.33 -0.69
C ASP A 149 -24.96 15.97 0.56
N ASP A 150 -25.04 17.30 0.59
CA ASP A 150 -25.66 17.98 1.71
C ASP A 150 -27.14 17.61 1.81
N ILE A 151 -27.82 17.53 0.67
CA ILE A 151 -29.24 17.15 0.67
C ILE A 151 -29.41 15.76 1.25
N MET A 152 -28.59 14.81 0.82
CA MET A 152 -28.74 13.44 1.30
C MET A 152 -28.37 13.31 2.77
N GLU A 153 -27.40 14.09 3.24
CA GLU A 153 -26.97 13.99 4.64
C GLU A 153 -27.79 14.85 5.60
N ASN A 154 -28.64 15.75 5.09
CA ASN A 154 -29.46 16.58 5.97
C ASN A 154 -30.93 16.61 5.55
N SER A 155 -31.38 15.63 4.78
CA SER A 155 -32.75 15.60 4.30
C SER A 155 -33.57 14.58 5.10
N LYS A 156 -34.82 14.94 5.38
CA LYS A 156 -35.75 14.06 6.09
C LYS A 156 -37.12 14.03 5.43
N ASP A 157 -37.21 14.34 4.14
CA ASP A 157 -38.47 14.41 3.42
C ASP A 157 -38.54 13.30 2.38
N TYR A 158 -39.64 12.54 2.39
CA TYR A 158 -39.81 11.44 1.45
C TYR A 158 -39.77 11.94 0.01
N ASN A 159 -40.56 12.96 -0.30
CA ASN A 159 -40.64 13.46 -1.67
C ASN A 159 -39.31 14.04 -2.12
N GLU A 160 -38.62 14.77 -1.25
CA GLU A 160 -37.36 15.39 -1.63
C GLU A 160 -36.28 14.35 -1.88
N ARG A 161 -36.16 13.37 -0.97
CA ARG A 161 -35.17 12.31 -1.16
C ARG A 161 -35.48 11.49 -2.42
N LEU A 162 -36.75 11.17 -2.64
CA LEU A 162 -37.13 10.43 -3.83
C LEU A 162 -36.80 11.22 -5.09
N TRP A 163 -37.06 12.53 -5.08
CA TRP A 163 -36.76 13.36 -6.22
C TRP A 163 -35.26 13.36 -6.53
N ALA A 164 -34.43 13.55 -5.51
CA ALA A 164 -32.98 13.58 -5.75
C ALA A 164 -32.49 12.24 -6.27
N TRP A 165 -32.92 11.15 -5.63
CA TRP A 165 -32.48 9.81 -6.02
C TRP A 165 -32.89 9.50 -7.46
N GLU A 166 -34.16 9.72 -7.79
CA GLU A 166 -34.65 9.42 -9.13
C GLU A 166 -33.98 10.31 -10.17
N GLY A 167 -33.76 11.59 -9.85
CA GLY A 167 -33.12 12.48 -10.80
C GLY A 167 -31.71 12.05 -11.13
N TRP A 168 -30.91 11.73 -10.11
CA TRP A 168 -29.55 11.28 -10.38
C TRP A 168 -29.54 9.96 -11.15
N ARG A 169 -30.39 9.01 -10.74
CA ARG A 169 -30.39 7.70 -11.36
C ARG A 169 -30.96 7.73 -12.78
N SER A 170 -31.74 8.75 -13.12
CA SER A 170 -32.22 8.93 -14.48
C SER A 170 -31.32 9.82 -15.33
N GLU A 171 -30.45 10.60 -14.70
CA GLU A 171 -29.52 11.43 -15.46
C GLU A 171 -28.21 10.72 -15.79
N VAL A 172 -27.76 9.79 -14.94
CA VAL A 172 -26.44 9.20 -15.16
C VAL A 172 -26.53 8.00 -16.12
N GLY A 173 -27.46 7.08 -15.87
CA GLY A 173 -27.47 5.83 -16.60
C GLY A 173 -27.79 5.98 -18.07
N LYS A 174 -28.73 6.87 -18.40
CA LYS A 174 -29.13 7.05 -19.80
C LYS A 174 -28.00 7.52 -20.67
N GLN A 175 -26.95 8.09 -20.08
CA GLN A 175 -25.73 8.45 -20.81
C GLN A 175 -24.61 7.43 -20.66
N LEU A 176 -24.55 6.73 -19.53
CA LEU A 176 -23.46 5.78 -19.31
C LEU A 176 -23.70 4.42 -19.97
N ARG A 177 -24.92 4.11 -20.39
CA ARG A 177 -25.22 2.76 -20.87
C ARG A 177 -24.46 2.34 -22.13
N PRO A 178 -24.49 3.09 -23.26
CA PRO A 178 -24.01 2.52 -24.54
C PRO A 178 -22.50 2.30 -24.57
N LEU A 179 -21.75 3.31 -24.13
CA LEU A 179 -20.30 3.18 -24.11
C LEU A 179 -19.87 2.06 -23.17
N TYR A 180 -20.58 1.90 -22.05
CA TYR A 180 -20.28 0.79 -21.14
C TYR A 180 -20.52 -0.55 -21.81
N GLU A 181 -21.61 -0.68 -22.57
CA GLU A 181 -21.86 -1.94 -23.27
C GLU A 181 -20.77 -2.23 -24.29
N GLU A 182 -20.38 -1.23 -25.07
CA GLU A 182 -19.32 -1.44 -26.06
C GLU A 182 -18.00 -1.80 -25.37
N TYR A 183 -17.71 -1.14 -24.24
CA TYR A 183 -16.50 -1.44 -23.48
C TYR A 183 -16.50 -2.87 -22.99
N VAL A 184 -17.63 -3.35 -22.46
CA VAL A 184 -17.67 -4.70 -21.92
C VAL A 184 -17.52 -5.72 -23.05
N ALA A 185 -18.12 -5.44 -24.21
CA ALA A 185 -17.96 -6.36 -25.34
C ALA A 185 -16.50 -6.42 -25.79
N LEU A 186 -15.85 -5.25 -25.92
CA LEU A 186 -14.47 -5.21 -26.36
C LEU A 186 -13.55 -5.91 -25.36
N LYS A 187 -13.78 -5.69 -24.06
CA LYS A 187 -12.94 -6.33 -23.06
C LYS A 187 -13.13 -7.84 -23.03
N ASN A 188 -14.38 -8.30 -23.21
CA ASN A 188 -14.61 -9.74 -23.31
C ASN A 188 -13.86 -10.33 -24.50
N GLU A 189 -13.91 -9.64 -25.64
CA GLU A 189 -13.19 -10.12 -26.82
C GLU A 189 -11.70 -10.21 -26.57
N MET A 190 -11.13 -9.15 -25.97
CA MET A 190 -9.70 -9.14 -25.69
C MET A 190 -9.31 -10.25 -24.71
N ALA A 191 -10.12 -10.42 -23.65
CA ALA A 191 -9.81 -11.45 -22.66
C ALA A 191 -9.86 -12.84 -23.27
N ARG A 192 -10.84 -13.09 -24.13
CA ARG A 192 -10.87 -14.38 -24.84
C ARG A 192 -9.64 -14.53 -25.73
N ALA A 193 -9.22 -13.45 -26.38
CA ALA A 193 -8.05 -13.51 -27.24
C ALA A 193 -6.77 -13.75 -26.46
N ASN A 194 -6.73 -13.37 -25.18
CA ASN A 194 -5.53 -13.49 -24.37
C ASN A 194 -5.46 -14.80 -23.59
N ASN A 195 -6.09 -15.86 -24.10
CA ASN A 195 -6.06 -17.23 -23.58
C ASN A 195 -6.81 -17.39 -22.26
N TYR A 196 -7.36 -16.32 -21.69
CA TYR A 196 -8.19 -16.44 -20.51
C TYR A 196 -9.61 -16.82 -20.91
N GLU A 197 -10.36 -17.34 -19.94
CA GLU A 197 -11.77 -17.68 -20.19
C GLU A 197 -12.57 -16.44 -20.51
N ASP A 198 -12.38 -15.37 -19.74
CA ASP A 198 -13.06 -14.10 -19.95
C ASP A 198 -12.43 -13.07 -19.01
N TYR A 199 -12.95 -11.85 -19.06
CA TYR A 199 -12.46 -10.79 -18.19
C TYR A 199 -12.73 -11.10 -16.73
N GLY A 200 -13.88 -11.72 -16.45
CA GLY A 200 -14.15 -12.17 -15.10
C GLY A 200 -13.13 -13.20 -14.62
N ASP A 201 -12.75 -14.12 -15.50
CA ASP A 201 -11.70 -15.08 -15.16
C ASP A 201 -10.37 -14.39 -14.90
N TYR A 202 -10.03 -13.40 -15.73
CA TYR A 202 -8.80 -12.65 -15.50
C TYR A 202 -8.82 -11.96 -14.14
N TRP A 203 -9.94 -11.34 -13.79
CA TRP A 203 -10.04 -10.66 -12.50
C TRP A 203 -9.97 -11.65 -11.34
N ARG A 204 -10.61 -12.81 -11.48
CA ARG A 204 -10.51 -13.84 -10.45
C ARG A 204 -9.11 -14.42 -10.36
N GLY A 205 -8.32 -14.32 -11.41
CA GLY A 205 -7.00 -14.92 -11.44
C GLY A 205 -5.93 -14.16 -10.68
N ASP A 206 -6.33 -13.33 -9.73
CA ASP A 206 -5.39 -12.59 -8.89
C ASP A 206 -5.15 -13.28 -7.54
N TYR A 207 -5.70 -14.48 -7.34
CA TYR A 207 -5.56 -15.19 -6.08
C TYR A 207 -4.86 -16.53 -6.18
N GLU A 208 -4.72 -17.09 -7.38
CA GLU A 208 -4.15 -18.42 -7.52
C GLU A 208 -2.66 -18.43 -7.19
N GLU A 209 -2.21 -19.50 -6.54
CA GLU A 209 -0.81 -19.71 -6.22
C GLU A 209 -0.43 -21.14 -6.57
N GLU A 210 0.77 -21.31 -7.14
CA GLU A 210 1.24 -22.62 -7.58
C GLU A 210 2.42 -23.05 -6.72
N TRP A 211 2.30 -24.22 -6.09
CA TRP A 211 3.34 -24.79 -5.24
C TRP A 211 3.00 -26.25 -5.00
N ALA A 212 3.92 -26.94 -4.33
CA ALA A 212 3.77 -28.35 -4.02
C ALA A 212 3.36 -28.53 -2.56
N ASP A 213 3.35 -29.79 -2.13
CA ASP A 213 3.00 -30.16 -0.75
C ASP A 213 1.62 -29.66 -0.35
N GLY A 214 0.65 -29.87 -1.23
CA GLY A 214 -0.72 -29.48 -0.95
C GLY A 214 -0.93 -27.99 -0.81
N TYR A 215 -0.21 -27.19 -1.58
CA TYR A 215 -0.34 -25.73 -1.56
C TYR A 215 -1.00 -25.19 -2.80
N ASN A 216 -1.56 -26.05 -3.65
CA ASN A 216 -2.21 -25.61 -4.87
C ASN A 216 -3.44 -24.77 -4.56
N TYR A 217 -3.66 -23.73 -5.36
CA TYR A 217 -4.81 -22.84 -5.19
C TYR A 217 -5.39 -22.57 -6.58
N SER A 218 -6.59 -23.09 -6.83
CA SER A 218 -7.26 -22.93 -8.10
C SER A 218 -8.10 -21.65 -8.08
N ARG A 219 -8.95 -21.48 -9.10
CA ARG A 219 -9.78 -20.30 -9.20
C ARG A 219 -11.14 -20.45 -8.53
N ASN A 220 -11.70 -21.66 -8.50
CA ASN A 220 -13.01 -21.87 -7.91
C ASN A 220 -12.99 -21.76 -6.39
N GLN A 221 -11.81 -21.89 -5.78
CA GLN A 221 -11.73 -21.89 -4.31
C GLN A 221 -12.20 -20.56 -3.73
N LEU A 222 -11.87 -19.45 -4.40
CA LEU A 222 -12.25 -18.13 -3.90
C LEU A 222 -13.77 -18.00 -3.80
N ILE A 223 -14.48 -18.28 -4.90
CA ILE A 223 -15.93 -18.18 -4.89
C ILE A 223 -16.54 -19.20 -3.93
N GLU A 224 -15.95 -20.39 -3.85
CA GLU A 224 -16.46 -21.41 -2.94
C GLU A 224 -16.42 -20.91 -1.50
N ASP A 225 -15.26 -20.40 -1.06
CA ASP A 225 -15.15 -19.94 0.31
C ASP A 225 -16.02 -18.72 0.57
N VAL A 226 -16.15 -17.82 -0.41
CA VAL A 226 -16.98 -16.64 -0.22
C VAL A 226 -18.43 -17.04 -0.01
N GLU A 227 -18.93 -17.95 -0.85
CA GLU A 227 -20.31 -18.42 -0.69
C GLU A 227 -20.50 -19.12 0.64
N HIS A 228 -19.54 -19.98 1.02
CA HIS A 228 -19.65 -20.70 2.28
C HIS A 228 -19.68 -19.75 3.47
N THR A 229 -18.91 -18.67 3.40
CA THR A 229 -18.92 -17.68 4.49
C THR A 229 -20.24 -16.95 4.54
N PHE A 230 -20.72 -16.45 3.39
CA PHE A 230 -21.94 -15.66 3.39
C PHE A 230 -23.14 -16.47 3.87
N THR A 231 -23.20 -17.74 3.47
CA THR A 231 -24.34 -18.58 3.83
C THR A 231 -24.50 -18.68 5.34
N GLN A 232 -23.41 -18.82 6.07
CA GLN A 232 -23.46 -18.94 7.51
C GLN A 232 -23.34 -17.60 8.24
N ILE A 233 -23.09 -16.50 7.53
CA ILE A 233 -23.05 -15.19 8.16
C ILE A 233 -24.38 -14.42 8.04
N LYS A 234 -25.24 -14.79 7.09
CA LYS A 234 -26.48 -14.04 6.87
C LYS A 234 -27.40 -13.85 8.09
N PRO A 235 -27.59 -14.83 9.00
CA PRO A 235 -28.63 -14.63 10.04
C PRO A 235 -28.39 -13.43 10.95
N LEU A 236 -27.14 -13.13 11.27
CA LEU A 236 -26.85 -11.96 12.09
C LEU A 236 -27.28 -10.67 11.38
N TYR A 237 -27.04 -10.61 10.07
CA TYR A 237 -27.54 -9.49 9.29
C TYR A 237 -29.06 -9.43 9.33
N GLU A 238 -29.72 -10.59 9.28
CA GLU A 238 -31.18 -10.60 9.39
C GLU A 238 -31.64 -9.98 10.71
N HIS A 239 -31.02 -10.38 11.81
CA HIS A 239 -31.41 -9.88 13.13
C HIS A 239 -31.19 -8.37 13.23
N LEU A 240 -29.99 -7.90 12.84
CA LEU A 240 -29.71 -6.48 12.93
C LEU A 240 -30.58 -5.68 11.97
N HIS A 241 -30.93 -6.24 10.82
CA HIS A 241 -31.87 -5.58 9.93
C HIS A 241 -33.23 -5.42 10.58
N ALA A 242 -33.70 -6.45 11.28
CA ALA A 242 -34.97 -6.34 11.99
C ALA A 242 -34.94 -5.22 13.02
N TYR A 243 -33.88 -5.18 13.83
CA TYR A 243 -33.80 -4.15 14.86
C TYR A 243 -33.70 -2.75 14.25
N VAL A 244 -32.89 -2.59 13.21
CA VAL A 244 -32.71 -1.28 12.59
C VAL A 244 -34.01 -0.85 11.91
N ARG A 245 -34.74 -1.80 11.32
CA ARG A 245 -36.04 -1.46 10.73
C ARG A 245 -37.00 -0.96 11.79
N ALA A 246 -37.02 -1.62 12.96
CA ALA A 246 -37.89 -1.15 14.05
C ALA A 246 -37.50 0.25 14.50
N LYS A 247 -36.20 0.51 14.65
CA LYS A 247 -35.74 1.82 15.07
C LYS A 247 -36.08 2.89 14.02
N LEU A 248 -35.97 2.54 12.75
CA LEU A 248 -36.34 3.47 11.68
C LEU A 248 -37.84 3.72 11.66
N MET A 249 -38.65 2.72 12.01
CA MET A 249 -40.08 2.95 12.18
C MET A 249 -40.33 3.94 13.30
N ASP A 250 -39.60 3.80 14.41
CA ASP A 250 -39.69 4.79 15.48
C ASP A 250 -39.31 6.17 14.97
N ALA A 251 -38.30 6.25 14.11
CA ALA A 251 -37.85 7.53 13.57
C ALA A 251 -38.91 8.18 12.70
N TYR A 252 -39.47 7.43 11.75
CA TYR A 252 -40.43 7.97 10.80
C TYR A 252 -41.74 7.20 10.90
N PRO A 253 -42.88 7.87 11.12
CA PRO A 253 -44.13 7.14 11.35
C PRO A 253 -44.99 6.96 10.11
N SER A 254 -45.75 5.85 10.13
CA SER A 254 -46.80 5.57 9.15
C SER A 254 -46.29 5.70 7.72
N ARG A 255 -45.11 5.15 7.46
CA ARG A 255 -44.41 5.47 6.23
C ARG A 255 -43.85 4.24 5.50
N ILE A 256 -43.53 3.15 6.21
CA ILE A 256 -42.86 2.00 5.61
C ILE A 256 -43.53 0.73 6.13
N SER A 257 -43.41 -0.35 5.36
CA SER A 257 -43.97 -1.63 5.75
C SER A 257 -43.21 -2.19 6.96
N PRO A 258 -43.93 -2.86 7.87
CA PRO A 258 -43.29 -3.29 9.13
C PRO A 258 -42.33 -4.45 8.96
N THR A 259 -42.59 -5.34 8.01
CA THR A 259 -41.72 -6.47 7.72
C THR A 259 -41.13 -6.38 6.32
N GLY A 260 -41.08 -5.19 5.74
CA GLY A 260 -40.59 -5.02 4.39
C GLY A 260 -39.10 -4.75 4.31
N CYS A 261 -38.73 -3.74 3.52
CA CYS A 261 -37.33 -3.39 3.29
C CYS A 261 -37.09 -1.92 3.61
N LEU A 262 -35.81 -1.55 3.61
CA LEU A 262 -35.42 -0.16 3.80
C LEU A 262 -35.32 0.53 2.44
N PRO A 263 -36.07 1.60 2.20
CA PRO A 263 -35.97 2.29 0.91
C PRO A 263 -34.56 2.80 0.65
N ALA A 264 -34.18 2.80 -0.62
CA ALA A 264 -32.81 3.15 -1.00
C ALA A 264 -32.46 4.60 -0.68
N HIS A 265 -33.43 5.50 -0.62
CA HIS A 265 -33.16 6.90 -0.36
C HIS A 265 -33.16 7.24 1.13
N LEU A 266 -33.47 6.28 1.99
CA LEU A 266 -33.51 6.51 3.44
C LEU A 266 -32.33 5.87 4.15
N LEU A 267 -31.24 5.60 3.43
CA LEU A 267 -30.06 4.96 4.00
C LEU A 267 -28.95 5.95 4.32
N GLY A 268 -29.25 7.25 4.29
CA GLY A 268 -28.27 8.26 4.65
C GLY A 268 -27.53 8.81 3.45
N ASP A 269 -27.37 8.00 2.40
CA ASP A 269 -26.64 8.39 1.21
C ASP A 269 -27.34 7.77 0.01
N MET A 270 -26.87 8.10 -1.20
CA MET A 270 -27.55 7.66 -2.41
C MET A 270 -27.53 6.14 -2.54
N TRP A 271 -26.35 5.53 -2.43
CA TRP A 271 -26.21 4.10 -2.67
C TRP A 271 -26.35 3.26 -1.40
N GLY A 272 -26.36 3.89 -0.23
CA GLY A 272 -26.43 3.14 1.01
C GLY A 272 -25.21 2.29 1.28
N ARG A 273 -24.01 2.79 0.98
CA ARG A 273 -22.80 2.03 1.21
C ARG A 273 -22.58 1.78 2.70
N PHE A 274 -22.84 2.79 3.54
CA PHE A 274 -22.68 2.68 4.98
C PHE A 274 -23.94 3.17 5.67
N TRP A 275 -24.20 2.61 6.85
CA TRP A 275 -25.34 2.99 7.67
C TRP A 275 -24.93 3.86 8.86
N THR A 276 -23.92 4.72 8.69
CA THR A 276 -23.38 5.48 9.80
C THR A 276 -24.29 6.62 10.23
N ASN A 277 -25.17 7.08 9.33
CA ASN A 277 -26.02 8.22 9.65
C ASN A 277 -27.21 7.86 10.53
N LEU A 278 -27.50 6.57 10.71
CA LEU A 278 -28.64 6.14 11.49
C LEU A 278 -28.33 6.06 12.99
N TYR A 279 -27.06 6.31 13.37
CA TYR A 279 -26.68 6.20 14.78
C TYR A 279 -27.50 7.09 15.72
N PRO A 280 -27.77 8.38 15.42
CA PRO A 280 -28.58 9.17 16.35
C PRO A 280 -30.03 8.72 16.46
N LEU A 281 -30.50 7.86 15.55
CA LEU A 281 -31.87 7.37 15.56
C LEU A 281 -32.01 6.00 16.17
N MET A 282 -30.97 5.48 16.82
CA MET A 282 -31.05 4.15 17.43
C MET A 282 -30.42 4.09 18.82
N VAL A 283 -30.19 5.22 19.48
CA VAL A 283 -29.58 5.22 20.81
C VAL A 283 -30.61 4.70 21.81
N PRO A 284 -30.33 3.60 22.50
CA PRO A 284 -31.30 3.08 23.47
C PRO A 284 -31.59 4.03 24.62
N PHE A 285 -30.61 4.81 25.06
CA PHE A 285 -30.73 5.63 26.26
C PHE A 285 -30.27 7.06 25.95
N GLY A 286 -31.23 7.98 25.82
CA GLY A 286 -30.88 9.37 25.61
C GLY A 286 -30.20 10.01 26.79
N GLN A 287 -30.58 9.60 28.01
CA GLN A 287 -29.96 10.15 29.22
C GLN A 287 -28.47 9.82 29.28
N LYS A 288 -28.07 8.62 28.83
CA LYS A 288 -26.68 8.21 28.79
C LYS A 288 -26.22 8.16 27.34
N PRO A 289 -25.70 9.25 26.78
CA PRO A 289 -25.24 9.24 25.40
C PRO A 289 -23.96 8.43 25.24
N ASN A 290 -23.57 8.25 23.98
CA ASN A 290 -22.33 7.55 23.68
C ASN A 290 -21.14 8.34 24.21
N ILE A 291 -20.03 7.63 24.47
CA ILE A 291 -18.86 8.26 25.05
C ILE A 291 -18.34 9.34 24.10
N ASP A 292 -18.05 10.52 24.66
CA ASP A 292 -17.56 11.66 23.89
C ASP A 292 -16.39 12.28 24.66
N VAL A 293 -15.19 11.75 24.42
CA VAL A 293 -13.97 12.31 25.00
C VAL A 293 -13.45 13.49 24.20
N THR A 294 -14.18 13.90 23.15
CA THR A 294 -13.77 15.07 22.38
C THR A 294 -13.75 16.34 23.24
N ASP A 295 -14.65 16.42 24.23
CA ASP A 295 -14.66 17.58 25.12
C ASP A 295 -13.34 17.69 25.88
N ALA A 296 -12.90 16.60 26.51
CA ALA A 296 -11.62 16.61 27.20
C ALA A 296 -10.46 16.76 26.23
N MET A 297 -10.61 16.24 25.01
CA MET A 297 -9.58 16.38 23.99
C MET A 297 -9.33 17.86 23.68
N VAL A 298 -10.41 18.60 23.46
CA VAL A 298 -10.30 20.04 23.20
C VAL A 298 -9.83 20.77 24.45
N ASN A 299 -10.30 20.34 25.62
CA ASN A 299 -9.92 21.02 26.87
C ASN A 299 -8.42 20.91 27.13
N GLN A 300 -7.84 19.74 26.89
CA GLN A 300 -6.42 19.55 27.14
C GLN A 300 -5.54 20.37 26.20
N SER A 301 -6.10 20.84 25.08
CA SER A 301 -5.43 21.76 24.17
C SER A 301 -4.14 21.14 23.60
N TRP A 302 -4.30 20.03 22.90
CA TRP A 302 -3.22 19.40 22.18
C TRP A 302 -3.33 19.73 20.69
N ASP A 303 -2.39 19.20 19.90
CA ASP A 303 -2.32 19.54 18.48
C ASP A 303 -1.96 18.28 17.70
N ALA A 304 -1.76 18.46 16.39
CA ALA A 304 -1.43 17.36 15.51
C ALA A 304 -0.10 16.71 15.90
N ARG A 305 0.90 17.53 16.24
CA ARG A 305 2.17 16.99 16.68
C ARG A 305 1.99 16.12 17.92
N ARG A 306 1.20 16.60 18.88
CA ARG A 306 1.02 15.84 20.12
C ARG A 306 0.28 14.52 19.87
N ILE A 307 -0.80 14.55 19.08
CA ILE A 307 -1.54 13.32 18.83
C ILE A 307 -0.67 12.32 18.07
N PHE A 308 0.16 12.81 17.14
CA PHE A 308 1.01 11.88 16.42
C PHE A 308 2.13 11.34 17.29
N LYS A 309 2.64 12.13 18.24
CA LYS A 309 3.60 11.58 19.21
C LYS A 309 2.95 10.50 20.06
N GLU A 310 1.71 10.72 20.49
CA GLU A 310 1.01 9.68 21.26
C GLU A 310 0.81 8.41 20.44
N ALA A 311 0.44 8.57 19.16
CA ALA A 311 0.29 7.41 18.29
C ALA A 311 1.61 6.67 18.11
N GLU A 312 2.71 7.41 17.94
CA GLU A 312 4.02 6.79 17.82
C GLU A 312 4.40 6.05 19.09
N LYS A 313 4.10 6.63 20.25
CA LYS A 313 4.37 5.95 21.52
C LYS A 313 3.57 4.66 21.62
N PHE A 314 2.30 4.69 21.22
CA PHE A 314 1.50 3.47 21.24
C PHE A 314 2.07 2.42 20.31
N PHE A 315 2.53 2.84 19.13
CA PHE A 315 3.13 1.90 18.18
C PHE A 315 4.41 1.29 18.76
N VAL A 316 5.24 2.10 19.42
CA VAL A 316 6.48 1.60 20.00
C VAL A 316 6.19 0.64 21.15
N SER A 317 5.13 0.90 21.92
CA SER A 317 4.83 0.10 23.10
C SER A 317 4.57 -1.36 22.76
N VAL A 318 4.20 -1.67 21.51
CA VAL A 318 3.94 -3.06 21.15
C VAL A 318 5.24 -3.82 20.90
N GLY A 319 6.22 -3.16 20.28
CA GLY A 319 7.49 -3.79 20.00
C GLY A 319 8.00 -3.53 18.59
N LEU A 320 7.32 -2.62 17.88
CA LEU A 320 7.67 -2.13 16.56
C LEU A 320 8.66 -0.96 16.68
N PRO A 321 9.49 -0.71 15.67
CA PRO A 321 10.59 0.24 15.83
C PRO A 321 10.15 1.69 15.61
N ASN A 322 11.11 2.59 15.82
CA ASN A 322 10.85 4.03 15.78
C ASN A 322 10.70 4.50 14.33
N MET A 323 10.21 5.72 14.19
CA MET A 323 10.00 6.33 12.88
C MET A 323 11.28 6.97 12.37
N THR A 324 11.23 7.44 11.12
CA THR A 324 12.37 8.06 10.48
C THR A 324 12.36 9.57 10.72
N GLU A 325 13.57 10.15 10.67
CA GLU A 325 13.70 11.59 10.88
C GLU A 325 13.06 12.37 9.74
N GLY A 326 13.23 11.90 8.50
CA GLY A 326 12.67 12.61 7.36
C GLY A 326 11.17 12.73 7.41
N PHE A 327 10.49 11.79 8.07
CA PHE A 327 9.05 11.88 8.28
C PHE A 327 8.68 13.21 8.92
N TRP A 328 9.19 13.46 10.12
CA TRP A 328 8.92 14.73 10.80
C TRP A 328 9.55 15.90 10.04
N GLN A 329 10.67 15.67 9.36
CA GLN A 329 11.36 16.77 8.67
C GLN A 329 10.51 17.34 7.54
N ASN A 330 9.86 16.48 6.77
CA ASN A 330 9.23 16.90 5.52
C ASN A 330 7.71 16.81 5.49
N SER A 331 7.10 15.95 6.31
CA SER A 331 5.65 15.81 6.26
C SER A 331 4.96 17.08 6.72
N MET A 332 3.84 17.41 6.06
CA MET A 332 3.07 18.60 6.35
C MET A 332 1.77 18.22 7.04
N LEU A 333 1.49 18.87 8.17
CA LEU A 333 0.30 18.59 8.95
C LEU A 333 -0.56 19.82 9.22
N THR A 334 0.04 21.00 9.38
CA THR A 334 -0.67 22.23 9.66
C THR A 334 -0.66 23.11 8.41
N GLU A 335 -1.83 23.63 8.03
CA GLU A 335 -1.93 24.43 6.83
C GLU A 335 -1.11 25.72 6.97
N PRO A 336 -0.20 26.01 6.04
CA PRO A 336 0.53 27.28 6.10
C PRO A 336 -0.38 28.50 6.01
N GLY A 337 -1.47 28.39 5.25
CA GLY A 337 -2.41 29.50 5.11
C GLY A 337 -2.02 30.55 4.11
N ASP A 338 -1.02 30.29 3.27
CA ASP A 338 -0.58 31.26 2.28
C ASP A 338 -1.50 31.21 1.07
N ASN A 339 -1.11 31.90 -0.01
CA ASN A 339 -1.96 31.98 -1.18
C ASN A 339 -2.12 30.63 -1.87
N ARG A 340 -1.04 29.86 -1.96
CA ARG A 340 -1.09 28.59 -2.67
C ARG A 340 -1.98 27.60 -1.93
N LYS A 341 -2.70 26.80 -2.70
CA LYS A 341 -3.69 25.87 -2.18
C LYS A 341 -3.16 24.43 -2.17
N VAL A 342 -3.70 23.64 -1.24
CA VAL A 342 -3.37 22.22 -1.13
C VAL A 342 -4.68 21.44 -0.99
N VAL A 343 -4.56 20.13 -0.83
CA VAL A 343 -5.71 19.24 -0.64
C VAL A 343 -5.61 18.64 0.75
N CYS A 344 -6.71 18.70 1.51
CA CYS A 344 -6.76 18.26 2.89
C CYS A 344 -7.37 16.86 3.05
N HIS A 345 -7.07 15.95 2.12
CA HIS A 345 -7.54 14.58 2.25
C HIS A 345 -6.37 13.69 2.67
N PRO A 346 -6.31 13.25 3.93
CA PRO A 346 -5.25 12.33 4.35
C PRO A 346 -5.12 11.12 3.43
N THR A 347 -3.87 10.75 3.13
CA THR A 347 -3.58 9.58 2.33
C THR A 347 -2.23 9.03 2.76
N ALA A 348 -2.01 7.74 2.49
CA ALA A 348 -0.77 7.06 2.83
C ALA A 348 0.14 7.05 1.62
N TRP A 349 1.33 7.63 1.76
CA TRP A 349 2.30 7.72 0.67
C TRP A 349 3.49 6.83 0.97
N ASP A 350 3.88 6.01 -0.01
CA ASP A 350 5.05 5.14 0.07
C ASP A 350 5.85 5.35 -1.20
N LEU A 351 6.78 6.32 -1.15
CA LEU A 351 7.54 6.69 -2.35
C LEU A 351 8.59 5.64 -2.68
N GLY A 352 9.04 4.87 -1.71
CA GLY A 352 10.13 3.94 -1.92
C GLY A 352 11.47 4.57 -1.62
N LYS A 353 12.52 3.79 -1.85
CA LYS A 353 13.90 4.21 -1.56
C LYS A 353 14.06 4.64 -0.10
N HIS A 354 13.40 3.91 0.79
CA HIS A 354 13.43 4.19 2.23
C HIS A 354 12.94 5.61 2.53
N ASP A 355 11.92 6.05 1.79
CA ASP A 355 11.31 7.36 1.98
C ASP A 355 9.82 7.18 2.20
N PHE A 356 9.32 7.72 3.31
CA PHE A 356 7.90 7.64 3.65
C PHE A 356 7.42 9.01 4.10
N ARG A 357 6.25 9.41 3.59
CA ARG A 357 5.70 10.74 3.86
C ARG A 357 4.20 10.65 4.04
N ILE A 358 3.66 11.63 4.75
CA ILE A 358 2.22 11.74 4.97
C ILE A 358 1.79 13.16 4.66
N LYS A 359 0.50 13.32 4.36
CA LYS A 359 -0.09 14.62 4.06
C LYS A 359 -1.53 14.60 4.57
N MET A 360 -1.81 15.38 5.60
CA MET A 360 -3.14 15.39 6.20
C MET A 360 -3.37 16.71 6.91
N CYS A 361 -4.65 17.03 7.10
CA CYS A 361 -5.08 18.19 7.88
C CYS A 361 -5.85 17.68 9.10
N THR A 362 -5.41 18.08 10.29
CA THR A 362 -5.81 17.40 11.52
C THR A 362 -6.88 18.18 12.27
N LYS A 363 -7.88 17.44 12.75
CA LYS A 363 -8.87 17.95 13.69
C LYS A 363 -8.79 17.12 14.97
N VAL A 364 -9.30 17.68 16.07
CA VAL A 364 -9.21 17.05 17.38
C VAL A 364 -10.54 16.33 17.64
N THR A 365 -10.65 15.09 17.15
CA THR A 365 -11.78 14.22 17.45
C THR A 365 -11.29 12.78 17.50
N MET A 366 -12.15 11.90 18.03
CA MET A 366 -11.86 10.47 17.98
C MET A 366 -11.72 10.00 16.54
N ASP A 367 -12.51 10.56 15.64
CA ASP A 367 -12.45 10.14 14.24
C ASP A 367 -11.08 10.40 13.65
N ASP A 368 -10.54 11.61 13.86
CA ASP A 368 -9.20 11.90 13.37
C ASP A 368 -8.15 11.11 14.12
N PHE A 369 -8.36 10.83 15.41
CA PHE A 369 -7.48 9.90 16.11
C PHE A 369 -7.39 8.57 15.36
N LEU A 370 -8.54 8.02 15.00
CA LEU A 370 -8.58 6.73 14.33
C LEU A 370 -7.96 6.79 12.95
N THR A 371 -8.23 7.87 12.19
CA THR A 371 -7.62 8.00 10.86
C THR A 371 -6.10 8.11 10.96
N ALA A 372 -5.60 8.91 11.91
CA ALA A 372 -4.16 9.03 12.07
C ALA A 372 -3.54 7.69 12.44
N HIS A 373 -4.17 6.95 13.34
CA HIS A 373 -3.65 5.64 13.73
C HIS A 373 -3.66 4.66 12.56
N HIS A 374 -4.73 4.68 11.76
CA HIS A 374 -4.83 3.79 10.60
C HIS A 374 -3.76 4.12 9.57
N GLU A 375 -3.54 5.42 9.31
CA GLU A 375 -2.50 5.81 8.36
C GLU A 375 -1.12 5.41 8.88
N MET A 376 -0.88 5.58 10.18
CA MET A 376 0.40 5.17 10.74
C MET A 376 0.61 3.67 10.59
N GLY A 377 -0.45 2.88 10.79
CA GLY A 377 -0.34 1.45 10.56
C GLY A 377 -0.06 1.10 9.12
N HIS A 378 -0.70 1.81 8.19
CA HIS A 378 -0.43 1.60 6.76
C HIS A 378 1.05 1.84 6.45
N ILE A 379 1.58 2.97 6.92
CA ILE A 379 2.99 3.26 6.66
C ILE A 379 3.89 2.25 7.36
N GLN A 380 3.49 1.78 8.55
CA GLN A 380 4.27 0.76 9.25
C GLN A 380 4.39 -0.50 8.42
N TYR A 381 3.28 -0.96 7.86
CA TYR A 381 3.33 -2.09 6.93
C TYR A 381 4.24 -1.77 5.75
N ASP A 382 4.15 -0.54 5.25
CA ASP A 382 4.95 -0.16 4.08
C ASP A 382 6.44 -0.28 4.36
N MET A 383 6.91 0.20 5.52
CA MET A 383 8.32 -0.07 5.82
C MET A 383 8.56 -1.53 6.15
N ALA A 384 7.54 -2.24 6.63
CA ALA A 384 7.73 -3.63 7.02
C ALA A 384 8.11 -4.50 5.84
N TYR A 385 7.44 -4.33 4.69
CA TYR A 385 7.77 -5.13 3.53
C TYR A 385 8.70 -4.41 2.55
N ALA A 386 9.39 -3.36 3.01
CA ALA A 386 10.22 -2.55 2.14
C ALA A 386 11.64 -3.07 1.97
N ALA A 387 11.99 -4.19 2.61
CA ALA A 387 13.34 -4.74 2.51
C ALA A 387 13.54 -5.61 1.28
N GLN A 388 12.47 -5.99 0.60
CA GLN A 388 12.56 -6.86 -0.57
C GLN A 388 12.98 -6.07 -1.81
N PRO A 389 13.44 -6.76 -2.86
CA PRO A 389 13.74 -6.09 -4.13
C PRO A 389 12.51 -5.39 -4.70
N PHE A 390 12.76 -4.62 -5.76
CA PHE A 390 11.73 -3.72 -6.28
C PHE A 390 10.49 -4.47 -6.75
N LEU A 391 10.69 -5.58 -7.47
CA LEU A 391 9.54 -6.34 -7.93
C LEU A 391 8.82 -7.06 -6.79
N LEU A 392 9.39 -7.08 -5.59
CA LEU A 392 8.76 -7.71 -4.44
C LEU A 392 8.32 -6.73 -3.37
N ARG A 393 8.55 -5.43 -3.54
CA ARG A 393 8.05 -4.43 -2.61
C ARG A 393 6.54 -4.26 -2.81
N ASN A 394 5.79 -5.22 -2.31
CA ASN A 394 4.33 -5.16 -2.36
C ASN A 394 3.76 -6.12 -1.33
N GLY A 395 2.49 -5.92 -1.01
CA GLY A 395 1.83 -6.77 -0.04
C GLY A 395 1.48 -8.13 -0.61
N ALA A 396 1.09 -9.04 0.29
CA ALA A 396 0.72 -10.38 -0.12
C ALA A 396 -0.51 -10.37 -1.02
N ASN A 397 -1.51 -9.55 -0.68
CA ASN A 397 -2.69 -9.38 -1.51
C ASN A 397 -3.21 -7.97 -1.31
N GLU A 398 -4.39 -7.69 -1.86
CA GLU A 398 -4.91 -6.33 -1.87
C GLU A 398 -5.33 -5.87 -0.48
N GLY A 399 -6.00 -6.74 0.28
CA GLY A 399 -6.59 -6.35 1.54
C GLY A 399 -5.69 -6.38 2.75
N PHE A 400 -4.42 -6.78 2.60
CA PHE A 400 -3.54 -6.91 3.77
C PHE A 400 -3.28 -5.56 4.43
N HIS A 401 -3.07 -4.50 3.63
CA HIS A 401 -2.80 -3.18 4.19
C HIS A 401 -3.97 -2.70 5.06
N GLU A 402 -5.18 -2.72 4.50
CA GLU A 402 -6.34 -2.24 5.24
C GLU A 402 -6.65 -3.14 6.42
N ALA A 403 -6.46 -4.45 6.28
CA ALA A 403 -6.67 -5.35 7.42
C ALA A 403 -5.70 -5.05 8.55
N VAL A 404 -4.42 -4.81 8.22
CA VAL A 404 -3.43 -4.49 9.24
C VAL A 404 -3.75 -3.17 9.91
N GLY A 405 -4.24 -2.20 9.14
CA GLY A 405 -4.68 -0.96 9.75
C GLY A 405 -5.86 -1.14 10.69
N GLU A 406 -6.86 -1.90 10.23
CA GLU A 406 -8.12 -1.99 10.96
C GLU A 406 -8.02 -2.87 12.21
N ILE A 407 -7.16 -3.90 12.22
CA ILE A 407 -7.01 -4.71 13.42
C ILE A 407 -6.55 -3.83 14.58
N MET A 408 -5.52 -3.03 14.35
CA MET A 408 -5.02 -2.16 15.40
C MET A 408 -5.94 -0.96 15.63
N SER A 409 -6.71 -0.54 14.63
CA SER A 409 -7.74 0.46 14.89
C SER A 409 -8.75 -0.04 15.91
N LEU A 410 -9.25 -1.26 15.72
CA LEU A 410 -10.17 -1.85 16.68
C LEU A 410 -9.48 -2.06 18.04
N SER A 411 -8.21 -2.46 18.03
CA SER A 411 -7.49 -2.66 19.28
C SER A 411 -7.35 -1.34 20.05
N ALA A 412 -7.14 -0.23 19.34
CA ALA A 412 -6.96 1.07 19.96
C ALA A 412 -8.26 1.83 20.15
N ALA A 413 -9.40 1.27 19.73
CA ALA A 413 -10.69 1.92 19.88
C ALA A 413 -11.48 1.42 21.11
N THR A 414 -10.80 1.16 22.23
CA THR A 414 -11.48 0.54 23.34
C THR A 414 -11.42 1.40 24.61
N PRO A 415 -12.46 1.31 25.46
CA PRO A 415 -12.48 2.13 26.68
C PRO A 415 -11.30 1.91 27.61
N ASN A 416 -10.82 0.67 27.74
CA ASN A 416 -9.68 0.43 28.62
C ASN A 416 -8.43 1.13 28.11
N HIS A 417 -8.23 1.18 26.79
CA HIS A 417 -7.09 1.88 26.23
C HIS A 417 -7.24 3.39 26.45
N LEU A 418 -8.40 3.95 26.10
CA LEU A 418 -8.58 5.39 26.29
C LEU A 418 -8.54 5.77 27.77
N LYS A 419 -8.72 4.80 28.67
CA LYS A 419 -8.53 5.06 30.09
C LYS A 419 -7.05 4.99 30.47
N ASN A 420 -6.34 3.95 30.03
CA ASN A 420 -4.97 3.74 30.49
C ASN A 420 -3.98 4.72 29.86
N ILE A 421 -4.37 5.46 28.82
CA ILE A 421 -3.57 6.63 28.45
C ILE A 421 -3.94 7.86 29.25
N GLY A 422 -4.83 7.74 30.22
CA GLY A 422 -5.12 8.82 31.15
C GLY A 422 -5.82 10.03 30.57
N LEU A 423 -6.82 9.83 29.71
CA LEU A 423 -7.68 10.91 29.25
C LEU A 423 -9.09 10.82 29.84
N LEU A 424 -9.27 10.00 30.87
CA LEU A 424 -10.56 9.75 31.49
C LEU A 424 -10.44 9.89 33.00
N PRO A 425 -11.45 10.48 33.66
CA PRO A 425 -11.38 10.67 35.11
C PRO A 425 -11.25 9.36 35.85
N PRO A 426 -10.44 9.32 36.91
CA PRO A 426 -10.30 8.07 37.68
C PRO A 426 -11.60 7.57 38.28
N ASP A 427 -12.49 8.47 38.69
CA ASP A 427 -13.73 8.08 39.34
C ASP A 427 -14.75 7.47 38.39
N PHE A 428 -14.53 7.56 37.08
CA PHE A 428 -15.46 7.00 36.12
C PHE A 428 -15.46 5.47 36.22
N SER A 429 -16.65 4.89 36.27
CA SER A 429 -16.83 3.45 36.34
C SER A 429 -17.16 2.90 34.96
N GLU A 430 -16.74 1.65 34.71
CA GLU A 430 -16.97 1.01 33.42
C GLU A 430 -18.46 0.91 33.14
N ASP A 431 -18.94 1.67 32.16
CA ASP A 431 -20.36 1.69 31.80
C ASP A 431 -20.60 0.64 30.72
N SER A 432 -21.21 -0.48 31.12
CA SER A 432 -21.56 -1.50 30.15
C SER A 432 -22.53 -0.96 29.11
N GLU A 433 -23.38 0.00 29.48
CA GLU A 433 -24.31 0.57 28.52
C GLU A 433 -23.57 1.37 27.44
N THR A 434 -22.59 2.18 27.86
CA THR A 434 -21.78 2.92 26.88
C THR A 434 -20.98 1.97 26.01
N ASP A 435 -20.45 0.89 26.61
CA ASP A 435 -19.73 -0.11 25.83
C ASP A 435 -20.64 -0.75 24.79
N ILE A 436 -21.88 -1.06 25.17
CA ILE A 436 -22.85 -1.62 24.24
C ILE A 436 -23.18 -0.62 23.14
N ASN A 437 -23.26 0.67 23.48
CA ASN A 437 -23.51 1.69 22.47
C ASN A 437 -22.40 1.72 21.44
N PHE A 438 -21.14 1.73 21.90
CA PHE A 438 -20.01 1.75 20.98
C PHE A 438 -19.97 0.49 20.12
N LEU A 439 -20.21 -0.67 20.72
CA LEU A 439 -20.22 -1.92 19.97
C LEU A 439 -21.35 -1.94 18.94
N LEU A 440 -22.51 -1.39 19.31
CA LEU A 440 -23.64 -1.31 18.38
C LEU A 440 -23.29 -0.43 17.18
N LYS A 441 -22.66 0.72 17.44
CA LYS A 441 -22.24 1.60 16.35
C LYS A 441 -21.31 0.86 15.39
N GLN A 442 -20.25 0.26 15.94
CA GLN A 442 -19.27 -0.41 15.09
C GLN A 442 -19.89 -1.58 14.33
N ALA A 443 -20.74 -2.35 14.99
CA ALA A 443 -21.39 -3.48 14.31
C ALA A 443 -22.31 -3.00 13.20
N LEU A 444 -23.13 -1.98 13.48
CA LEU A 444 -24.04 -1.47 12.47
C LEU A 444 -23.29 -0.97 11.24
N THR A 445 -22.09 -0.42 11.44
CA THR A 445 -21.28 -0.05 10.28
C THR A 445 -20.75 -1.29 9.55
N ILE A 446 -20.06 -2.17 10.29
CA ILE A 446 -19.28 -3.23 9.65
C ILE A 446 -20.19 -4.25 8.98
N VAL A 447 -21.18 -4.78 9.71
CA VAL A 447 -22.00 -5.85 9.15
C VAL A 447 -22.87 -5.34 8.01
N GLY A 448 -23.15 -4.05 7.97
CA GLY A 448 -23.93 -3.48 6.89
C GLY A 448 -23.09 -3.13 5.67
N THR A 449 -21.78 -2.96 5.88
CA THR A 449 -20.90 -2.61 4.76
C THR A 449 -20.81 -3.74 3.73
N LEU A 450 -20.62 -4.98 4.18
CA LEU A 450 -20.09 -6.05 3.33
C LEU A 450 -21.09 -6.70 2.35
N PRO A 451 -22.32 -7.05 2.76
CA PRO A 451 -23.21 -7.75 1.81
C PRO A 451 -23.43 -6.99 0.50
N PHE A 452 -23.50 -5.66 0.56
CA PHE A 452 -23.62 -4.88 -0.68
C PHE A 452 -22.40 -5.07 -1.57
N THR A 453 -21.22 -5.10 -0.97
CA THR A 453 -19.99 -5.32 -1.74
C THR A 453 -19.99 -6.70 -2.40
N TYR A 454 -20.37 -7.73 -1.65
CA TYR A 454 -20.43 -9.07 -2.23
C TYR A 454 -21.44 -9.13 -3.38
N MET A 455 -22.62 -8.53 -3.17
CA MET A 455 -23.63 -8.44 -4.22
C MET A 455 -23.08 -7.81 -5.49
N LEU A 456 -22.46 -6.63 -5.35
CA LEU A 456 -22.02 -5.89 -6.52
C LEU A 456 -20.89 -6.63 -7.24
N GLU A 457 -19.97 -7.24 -6.48
CA GLU A 457 -18.90 -7.99 -7.12
C GLU A 457 -19.43 -9.20 -7.88
N LYS A 458 -20.41 -9.90 -7.29
CA LYS A 458 -21.02 -11.02 -8.01
C LYS A 458 -21.68 -10.56 -9.29
N TRP A 459 -22.42 -9.43 -9.22
CA TRP A 459 -23.07 -8.91 -10.41
C TRP A 459 -22.05 -8.56 -11.49
N ARG A 460 -20.97 -7.87 -11.10
CA ARG A 460 -19.95 -7.48 -12.06
C ARG A 460 -19.29 -8.70 -12.70
N TRP A 461 -18.97 -9.71 -11.91
CA TRP A 461 -18.35 -10.91 -12.47
C TRP A 461 -19.29 -11.62 -13.44
N MET A 462 -20.57 -11.74 -13.07
CA MET A 462 -21.53 -12.37 -13.98
C MET A 462 -21.64 -11.59 -15.29
N VAL A 463 -21.70 -10.26 -15.21
CA VAL A 463 -21.80 -9.45 -16.41
C VAL A 463 -20.57 -9.61 -17.28
N PHE A 464 -19.38 -9.61 -16.66
CA PHE A 464 -18.14 -9.71 -17.45
C PHE A 464 -18.05 -11.07 -18.13
N LYS A 465 -18.34 -12.15 -17.41
CA LYS A 465 -18.26 -13.48 -18.02
C LYS A 465 -19.38 -13.73 -19.02
N GLY A 466 -20.48 -12.98 -18.93
CA GLY A 466 -21.51 -13.04 -19.95
C GLY A 466 -22.76 -13.82 -19.60
N GLU A 467 -22.92 -14.24 -18.34
CA GLU A 467 -24.14 -14.95 -17.96
C GLU A 467 -25.36 -14.04 -17.98
N ILE A 468 -25.17 -12.73 -17.96
CA ILE A 468 -26.28 -11.77 -17.99
C ILE A 468 -26.33 -11.18 -19.39
N PRO A 469 -27.38 -11.44 -20.17
CA PRO A 469 -27.49 -10.84 -21.51
C PRO A 469 -27.74 -9.34 -21.42
N LYS A 470 -27.74 -8.71 -22.59
CA LYS A 470 -27.89 -7.26 -22.67
C LYS A 470 -29.21 -6.81 -22.05
N GLU A 471 -30.31 -7.42 -22.48
CA GLU A 471 -31.64 -6.98 -22.10
C GLU A 471 -32.04 -7.39 -20.69
N GLN A 472 -31.11 -7.92 -19.89
CA GLN A 472 -31.43 -8.37 -18.53
C GLN A 472 -30.56 -7.73 -17.47
N TRP A 473 -29.79 -6.70 -17.81
CA TRP A 473 -28.87 -6.08 -16.85
C TRP A 473 -29.61 -5.61 -15.61
N MET A 474 -30.51 -4.64 -15.77
CA MET A 474 -31.19 -4.05 -14.61
C MET A 474 -32.14 -5.04 -13.94
N GLN A 475 -32.79 -5.90 -14.72
CA GLN A 475 -33.68 -6.90 -14.12
C GLN A 475 -32.92 -7.82 -13.18
N LYS A 476 -31.80 -8.37 -13.66
CA LYS A 476 -30.99 -9.25 -12.80
C LYS A 476 -30.41 -8.47 -11.64
N TRP A 477 -30.00 -7.23 -11.86
CA TRP A 477 -29.44 -6.42 -10.78
C TRP A 477 -30.45 -6.25 -9.65
N TRP A 478 -31.68 -5.87 -9.99
CA TRP A 478 -32.69 -5.66 -8.96
C TRP A 478 -33.11 -6.96 -8.29
N GLU A 479 -33.23 -8.04 -9.07
CA GLU A 479 -33.59 -9.33 -8.48
C GLU A 479 -32.55 -9.78 -7.48
N MET A 480 -31.27 -9.69 -7.85
CA MET A 480 -30.20 -10.06 -6.93
C MET A 480 -30.18 -9.14 -5.72
N LYS A 481 -30.38 -7.83 -5.93
CA LYS A 481 -30.44 -6.88 -4.83
C LYS A 481 -31.47 -7.31 -3.80
N ARG A 482 -32.71 -7.54 -4.25
CA ARG A 482 -33.77 -7.92 -3.34
C ARG A 482 -33.45 -9.23 -2.65
N ASP A 483 -33.15 -10.28 -3.43
CA ASP A 483 -32.98 -11.62 -2.89
C ASP A 483 -31.78 -11.73 -1.96
N ILE A 484 -30.77 -10.87 -2.10
CA ILE A 484 -29.59 -10.97 -1.24
C ILE A 484 -29.73 -10.04 -0.05
N VAL A 485 -29.87 -8.74 -0.30
CA VAL A 485 -29.84 -7.77 0.79
C VAL A 485 -31.22 -7.58 1.41
N GLY A 486 -32.26 -7.48 0.59
CA GLY A 486 -33.57 -7.13 1.12
C GLY A 486 -33.78 -5.63 1.18
N VAL A 487 -33.52 -4.95 0.07
CA VAL A 487 -33.76 -3.52 -0.09
C VAL A 487 -34.60 -3.34 -1.34
N VAL A 488 -35.71 -2.60 -1.21
CA VAL A 488 -36.64 -2.44 -2.30
C VAL A 488 -36.44 -1.07 -2.94
N GLU A 489 -36.95 -0.93 -4.17
CA GLU A 489 -36.94 0.30 -4.95
C GLU A 489 -38.30 0.98 -4.90
N PRO A 490 -38.34 2.31 -4.87
CA PRO A 490 -39.62 3.01 -4.75
C PRO A 490 -40.34 3.25 -6.08
N LEU A 491 -39.65 3.17 -7.21
CA LEU A 491 -40.27 3.44 -8.50
C LEU A 491 -39.77 2.45 -9.53
N PRO A 492 -40.61 2.10 -10.51
CA PRO A 492 -40.14 1.23 -11.60
C PRO A 492 -39.13 1.93 -12.50
N HIS A 493 -38.27 1.13 -13.12
CA HIS A 493 -37.26 1.65 -14.03
C HIS A 493 -37.06 0.69 -15.18
N ASP A 494 -36.58 1.21 -16.31
CA ASP A 494 -36.36 0.42 -17.52
C ASP A 494 -34.87 0.08 -17.66
N GLU A 495 -34.52 -0.52 -18.79
CA GLU A 495 -33.16 -0.98 -19.01
C GLU A 495 -32.20 0.12 -19.44
N THR A 496 -32.71 1.31 -19.79
CA THR A 496 -31.82 2.39 -20.22
C THR A 496 -30.97 2.89 -19.07
N TYR A 497 -31.47 2.83 -17.85
CA TYR A 497 -30.70 3.28 -16.70
C TYR A 497 -29.57 2.31 -16.39
N CYS A 498 -28.49 2.85 -15.83
CA CYS A 498 -27.28 2.10 -15.52
C CYS A 498 -26.87 2.35 -14.07
N ASP A 499 -27.83 2.14 -13.17
CA ASP A 499 -27.65 2.40 -11.75
C ASP A 499 -26.40 1.77 -11.14
N PRO A 500 -26.08 0.49 -11.38
CA PRO A 500 -24.92 -0.10 -10.68
C PRO A 500 -23.59 0.58 -11.01
N ALA A 501 -23.51 1.33 -12.11
CA ALA A 501 -22.27 2.04 -12.44
C ALA A 501 -22.23 3.45 -11.84
N ALA A 502 -23.21 3.82 -11.03
CA ALA A 502 -23.21 5.15 -10.43
C ALA A 502 -22.01 5.34 -9.52
N LEU A 503 -21.57 4.29 -8.84
CA LEU A 503 -20.42 4.39 -7.97
C LEU A 503 -19.14 4.66 -8.76
N PHE A 504 -18.24 5.42 -8.13
CA PHE A 504 -17.00 5.82 -8.80
C PHE A 504 -16.15 4.61 -9.16
N HIS A 505 -16.09 3.62 -8.26
CA HIS A 505 -15.28 2.44 -8.53
C HIS A 505 -15.79 1.68 -9.75
N VAL A 506 -17.10 1.54 -9.88
CA VAL A 506 -17.66 0.84 -11.03
C VAL A 506 -17.49 1.68 -12.29
N ALA A 507 -17.65 2.99 -12.19
CA ALA A 507 -17.52 3.85 -13.36
C ALA A 507 -16.09 3.88 -13.88
N ASN A 508 -15.11 3.86 -12.99
CA ASN A 508 -13.71 3.99 -13.36
C ASN A 508 -12.95 2.66 -13.37
N ASP A 509 -13.68 1.54 -13.39
CA ASP A 509 -13.10 0.21 -13.58
C ASP A 509 -12.13 -0.16 -12.46
N TYR A 510 -12.68 -0.26 -11.26
CA TYR A 510 -11.93 -0.71 -10.08
C TYR A 510 -12.65 -1.90 -9.46
N SER A 511 -11.87 -2.94 -9.13
CA SER A 511 -12.44 -4.15 -8.53
C SER A 511 -12.86 -3.87 -7.09
N PHE A 512 -13.99 -4.45 -6.70
CA PHE A 512 -14.58 -4.22 -5.39
C PHE A 512 -14.48 -5.44 -4.47
N ILE A 513 -13.70 -6.45 -4.87
CA ILE A 513 -13.56 -7.67 -4.06
C ILE A 513 -12.52 -7.53 -2.96
N ARG A 514 -11.73 -6.47 -2.97
CA ARG A 514 -10.67 -6.30 -1.97
C ARG A 514 -11.21 -6.08 -0.56
N TYR A 515 -12.50 -5.80 -0.40
CA TYR A 515 -13.08 -5.62 0.93
C TYR A 515 -13.69 -6.92 1.45
N TYR A 516 -14.67 -7.45 0.74
CA TYR A 516 -15.25 -8.75 1.10
C TYR A 516 -14.78 -9.81 0.11
N THR A 517 -13.13 -10.61 2.64
CA THR A 517 -11.69 -10.80 2.57
C THR A 517 -10.98 -9.92 3.59
N ARG A 518 -11.07 -8.61 3.40
CA ARG A 518 -10.40 -7.69 4.32
C ARG A 518 -10.98 -7.81 5.73
N THR A 519 -12.31 -7.84 5.86
CA THR A 519 -12.92 -7.98 7.18
C THR A 519 -12.59 -9.32 7.80
N ILE A 520 -12.59 -10.39 6.99
CA ILE A 520 -12.28 -11.72 7.50
C ILE A 520 -10.86 -11.74 8.04
N TYR A 521 -9.90 -11.21 7.29
CA TYR A 521 -8.52 -11.14 7.76
C TYR A 521 -8.42 -10.27 9.01
N GLN A 522 -9.17 -9.18 9.05
CA GLN A 522 -9.16 -8.31 10.22
C GLN A 522 -9.56 -9.07 11.48
N PHE A 523 -10.70 -9.77 11.41
CA PHE A 523 -11.17 -10.49 12.59
C PHE A 523 -10.22 -11.63 12.96
N GLN A 524 -9.71 -12.35 11.96
CA GLN A 524 -8.79 -13.46 12.25
C GLN A 524 -7.53 -12.95 12.94
N PHE A 525 -6.94 -11.86 12.41
CA PHE A 525 -5.71 -11.34 13.00
C PHE A 525 -5.98 -10.75 14.39
N GLN A 526 -7.11 -10.08 14.58
CA GLN A 526 -7.43 -9.54 15.89
C GLN A 526 -7.55 -10.66 16.92
N GLU A 527 -8.28 -11.72 16.58
CA GLU A 527 -8.43 -12.84 17.51
C GLU A 527 -7.10 -13.51 17.80
N ALA A 528 -6.29 -13.73 16.76
CA ALA A 528 -5.01 -14.40 16.95
C ALA A 528 -4.07 -13.58 17.82
N LEU A 529 -4.05 -12.26 17.61
CA LEU A 529 -3.14 -11.41 18.37
C LEU A 529 -3.61 -11.19 19.79
N CYS A 530 -4.92 -11.21 20.04
CA CYS A 530 -5.42 -10.98 21.39
C CYS A 530 -5.52 -12.24 22.22
N GLN A 531 -5.60 -13.43 21.60
CA GLN A 531 -5.60 -14.66 22.38
C GLN A 531 -4.25 -14.93 23.02
N ILE A 532 -3.18 -14.28 22.55
CA ILE A 532 -1.84 -14.57 23.03
C ILE A 532 -1.41 -13.62 24.15
N ALA A 533 -2.06 -12.47 24.28
CA ALA A 533 -1.69 -11.49 25.30
C ALA A 533 -2.24 -11.84 26.68
N LYS A 534 -2.68 -13.07 26.91
CA LYS A 534 -3.21 -13.53 28.19
C LYS A 534 -4.35 -12.64 28.67
N HIS A 535 -5.31 -12.42 27.78
CA HIS A 535 -6.49 -11.63 28.13
C HIS A 535 -7.44 -12.46 28.97
N GLU A 536 -8.12 -11.81 29.91
CA GLU A 536 -8.99 -12.50 30.86
C GLU A 536 -10.44 -12.53 30.41
N GLY A 537 -10.96 -11.44 29.87
CA GLY A 537 -12.35 -11.36 29.47
C GLY A 537 -12.59 -11.87 28.08
N PRO A 538 -13.71 -11.48 27.47
CA PRO A 538 -13.99 -11.88 26.08
C PRO A 538 -12.98 -11.30 25.10
N LEU A 539 -13.09 -11.68 23.82
CA LEU A 539 -12.10 -11.25 22.84
C LEU A 539 -12.07 -9.74 22.69
N TYR A 540 -13.24 -9.10 22.68
CA TYR A 540 -13.29 -7.66 22.51
C TYR A 540 -12.64 -6.96 23.70
N LYS A 541 -12.33 -5.67 23.50
CA LYS A 541 -11.70 -4.75 24.44
C LYS A 541 -10.23 -5.07 24.70
N CYS A 542 -9.69 -6.13 24.10
CA CYS A 542 -8.31 -6.51 24.34
C CYS A 542 -7.36 -5.39 23.91
N ASP A 543 -6.38 -5.10 24.76
CA ASP A 543 -5.35 -4.11 24.48
C ASP A 543 -4.00 -4.82 24.42
N ILE A 544 -3.24 -4.55 23.37
CA ILE A 544 -1.97 -5.22 23.14
C ILE A 544 -0.79 -4.38 23.63
N SER A 545 -1.06 -3.24 24.27
CA SER A 545 0.00 -2.41 24.81
C SER A 545 0.80 -3.16 25.87
N ASN A 546 2.11 -2.93 25.88
CA ASN A 546 3.03 -3.61 26.79
C ASN A 546 2.95 -5.13 26.63
N SER A 547 3.00 -5.58 25.38
CA SER A 547 2.98 -7.01 25.07
C SER A 547 3.97 -7.24 23.92
N ARG A 548 5.17 -7.71 24.27
CA ARG A 548 6.23 -7.84 23.29
C ARG A 548 6.04 -9.05 22.38
N GLU A 549 5.50 -10.14 22.91
CA GLU A 549 5.43 -11.38 22.15
C GLU A 549 4.47 -11.28 20.97
N ALA A 550 3.37 -10.54 21.13
CA ALA A 550 2.46 -10.34 20.00
C ALA A 550 3.15 -9.60 18.87
N GLY A 551 3.90 -8.55 19.20
CA GLY A 551 4.64 -7.84 18.17
C GLY A 551 5.71 -8.69 17.53
N GLN A 552 6.39 -9.53 18.33
CA GLN A 552 7.40 -10.42 17.78
C GLN A 552 6.78 -11.41 16.79
N LYS A 553 5.61 -11.96 17.14
CA LYS A 553 4.93 -12.86 16.21
C LYS A 553 4.48 -12.13 14.96
N LEU A 554 3.98 -10.90 15.10
CA LEU A 554 3.47 -10.16 13.95
C LEU A 554 4.59 -9.59 13.07
N HIS A 555 5.81 -9.51 13.58
CA HIS A 555 6.90 -8.93 12.80
C HIS A 555 7.19 -9.75 11.54
N GLU A 556 7.20 -11.08 11.65
CA GLU A 556 7.45 -11.91 10.47
C GLU A 556 6.30 -11.77 9.46
N MET A 557 5.07 -11.69 9.96
CA MET A 557 3.93 -11.42 9.08
C MET A 557 4.11 -10.11 8.33
N LEU A 558 4.57 -9.08 9.04
CA LEU A 558 4.70 -7.76 8.42
C LEU A 558 5.85 -7.72 7.43
N SER A 559 6.94 -8.43 7.71
CA SER A 559 8.16 -8.33 6.92
C SER A 559 8.33 -9.45 5.90
N LEU A 560 7.38 -10.38 5.81
CA LEU A 560 7.51 -11.46 4.83
C LEU A 560 7.52 -10.92 3.40
N GLY A 561 6.62 -9.99 3.09
CA GLY A 561 6.51 -9.47 1.74
C GLY A 561 5.69 -10.35 0.82
N ARG A 562 6.04 -10.37 -0.46
CA ARG A 562 5.36 -11.22 -1.44
C ARG A 562 6.25 -12.35 -1.94
N SER A 563 7.42 -12.56 -1.34
CA SER A 563 8.29 -13.64 -1.78
C SER A 563 7.64 -15.00 -1.59
N LYS A 564 7.02 -15.21 -0.44
CA LYS A 564 6.29 -16.43 -0.14
C LYS A 564 4.84 -16.29 -0.60
N PRO A 565 4.17 -17.39 -0.94
CA PRO A 565 2.73 -17.30 -1.24
C PRO A 565 1.94 -16.87 -0.01
N TRP A 566 0.82 -16.19 -0.25
CA TRP A 566 0.03 -15.65 0.85
C TRP A 566 -0.58 -16.75 1.71
N THR A 567 -0.93 -17.90 1.10
CA THR A 567 -1.47 -19.01 1.88
C THR A 567 -0.42 -19.52 2.88
N PHE A 568 0.83 -19.64 2.43
CA PHE A 568 1.91 -20.03 3.33
C PHE A 568 2.16 -18.95 4.39
N ALA A 569 2.10 -17.68 3.98
CA ALA A 569 2.45 -16.59 4.88
C ALA A 569 1.43 -16.46 6.02
N LEU A 570 0.13 -16.47 5.68
CA LEU A 570 -0.91 -16.26 6.68
C LEU A 570 -0.89 -17.34 7.76
N GLU A 571 -0.50 -18.56 7.39
CA GLU A 571 -0.50 -19.66 8.35
C GLU A 571 0.44 -19.38 9.52
N ARG A 572 1.63 -18.86 9.24
CA ARG A 572 2.65 -18.63 10.27
C ARG A 572 2.13 -17.82 11.45
N VAL A 573 1.05 -17.07 11.27
CA VAL A 573 0.43 -16.32 12.35
C VAL A 573 -0.90 -16.94 12.78
N VAL A 574 -1.76 -17.28 11.81
CA VAL A 574 -3.11 -17.70 12.15
C VAL A 574 -3.11 -19.08 12.79
N GLY A 575 -2.32 -20.02 12.27
CA GLY A 575 -2.45 -21.42 12.59
C GLY A 575 -3.13 -22.23 11.50
N ALA A 576 -3.79 -21.57 10.55
CA ALA A 576 -4.40 -22.21 9.39
C ALA A 576 -4.13 -21.35 8.17
N LYS A 577 -4.15 -21.99 7.00
CA LYS A 577 -3.85 -21.31 5.74
C LYS A 577 -5.10 -20.96 4.94
N THR A 578 -6.28 -21.06 5.55
CA THR A 578 -7.54 -20.76 4.87
C THR A 578 -8.37 -19.82 5.73
N MET A 579 -9.15 -18.97 5.07
CA MET A 579 -9.95 -17.98 5.76
C MET A 579 -11.05 -18.62 6.59
N ASP A 580 -11.33 -18.02 7.75
CA ASP A 580 -12.43 -18.47 8.60
C ASP A 580 -13.06 -17.25 9.25
N VAL A 581 -14.31 -17.41 9.66
CA VAL A 581 -15.11 -16.29 10.16
C VAL A 581 -15.54 -16.51 11.60
N ARG A 582 -14.93 -17.47 12.30
CA ARG A 582 -15.20 -17.66 13.72
C ARG A 582 -14.96 -16.41 14.56
N PRO A 583 -13.88 -15.64 14.36
CA PRO A 583 -13.70 -14.41 15.16
C PRO A 583 -14.84 -13.42 15.00
N LEU A 584 -15.46 -13.31 13.83
CA LEU A 584 -16.60 -12.42 13.67
C LEU A 584 -17.71 -12.78 14.65
N LEU A 585 -18.10 -14.05 14.67
CA LEU A 585 -19.19 -14.47 15.55
C LEU A 585 -18.79 -14.36 17.01
N ASN A 586 -17.55 -14.71 17.35
CA ASN A 586 -17.16 -14.63 18.76
C ASN A 586 -17.03 -13.19 19.23
N TYR A 587 -16.76 -12.26 18.31
CA TYR A 587 -16.76 -10.84 18.66
C TYR A 587 -18.17 -10.30 18.81
N PHE A 588 -19.09 -10.73 17.95
CA PHE A 588 -20.43 -10.18 17.93
C PHE A 588 -21.41 -10.97 18.80
N GLU A 589 -20.94 -11.99 19.50
CA GLU A 589 -21.80 -12.73 20.43
C GLU A 589 -22.49 -11.86 21.48
N PRO A 590 -21.83 -10.90 22.14
CA PRO A 590 -22.57 -10.09 23.13
C PRO A 590 -23.78 -9.38 22.56
N LEU A 591 -23.68 -8.85 21.34
CA LEU A 591 -24.83 -8.22 20.71
C LEU A 591 -25.93 -9.23 20.43
N PHE A 592 -25.56 -10.45 20.02
CA PHE A 592 -26.56 -11.49 19.80
C PHE A 592 -27.27 -11.85 21.09
N THR A 593 -26.54 -11.94 22.20
CA THR A 593 -27.16 -12.25 23.49
C THR A 593 -28.08 -11.11 23.93
N TRP A 594 -27.68 -9.87 23.69
CA TRP A 594 -28.57 -8.74 23.98
C TRP A 594 -29.84 -8.83 23.15
N LEU A 595 -29.71 -9.14 21.86
CA LEU A 595 -30.86 -9.24 20.97
C LEU A 595 -31.35 -10.68 20.89
N GLU A 597 -33.51 -10.52 23.72
CA GLU A 597 -34.51 -10.21 24.73
C GLU A 597 -35.24 -8.92 24.39
N GLN A 598 -34.52 -7.96 23.83
CA GLN A 598 -35.13 -6.68 23.48
C GLN A 598 -36.16 -6.85 22.37
N ASN A 599 -35.79 -7.49 21.28
CA ASN A 599 -36.69 -7.70 20.14
C ASN A 599 -37.34 -9.08 20.16
N ARG A 600 -38.07 -9.39 21.24
CA ARG A 600 -38.75 -10.68 21.31
C ARG A 600 -40.01 -10.71 20.46
N ASN A 601 -40.50 -9.55 20.02
CA ASN A 601 -41.67 -9.47 19.14
C ASN A 601 -41.26 -9.33 17.67
N SER A 602 -40.13 -9.89 17.28
CA SER A 602 -39.62 -9.78 15.91
C SER A 602 -39.86 -11.08 15.18
N PHE A 603 -40.48 -10.98 14.00
CA PHE A 603 -40.72 -12.14 13.16
C PHE A 603 -39.52 -12.40 12.25
N VAL A 604 -39.27 -13.68 12.00
CA VAL A 604 -38.12 -14.11 11.21
C VAL A 604 -38.58 -14.38 9.78
N GLY A 605 -37.89 -13.78 8.82
CA GLY A 605 -38.21 -13.95 7.41
C GLY A 605 -38.97 -12.75 6.85
N TRP A 606 -39.04 -12.72 5.53
CA TRP A 606 -39.76 -11.67 4.83
C TRP A 606 -40.18 -12.17 3.47
N ASN A 607 -41.12 -11.45 2.85
CA ASN A 607 -41.57 -11.73 1.50
C ASN A 607 -41.06 -10.74 0.47
N THR A 608 -40.84 -9.48 0.87
CA THR A 608 -40.38 -8.42 -0.02
C THR A 608 -41.33 -8.32 -1.23
N ASP A 609 -42.54 -7.87 -0.92
CA ASP A 609 -43.56 -7.68 -1.94
C ASP A 609 -44.33 -6.37 -1.75
N TRP A 610 -43.91 -5.51 -0.84
CA TRP A 610 -44.55 -4.23 -0.59
C TRP A 610 -43.59 -3.11 -0.98
N SER A 611 -44.02 -2.27 -1.91
CA SER A 611 -43.21 -1.18 -2.45
C SER A 611 -44.12 0.02 -2.65
N PRO A 612 -43.54 1.23 -2.71
CA PRO A 612 -44.37 2.43 -2.90
C PRO A 612 -45.00 2.52 -4.28
N TYR A 613 -44.83 1.49 -5.11
CA TYR A 613 -45.47 1.48 -6.42
C TYR A 613 -46.99 1.37 -6.30
N ALA A 614 -47.46 0.60 -5.33
CA ALA A 614 -48.89 0.38 -5.15
C ALA A 614 -49.53 1.50 -4.34
N LEU B 15 51.21 16.58 8.51
CA LEU B 15 52.11 17.09 7.48
C LEU B 15 51.74 16.47 6.13
N CYS B 16 50.88 15.46 6.15
CA CYS B 16 50.33 14.87 4.94
C CYS B 16 49.29 15.78 4.33
N PRO B 17 48.94 15.57 3.07
CA PRO B 17 47.71 16.17 2.55
C PRO B 17 46.47 15.46 3.06
N PHE B 18 46.34 15.28 4.38
CA PHE B 18 45.06 14.82 4.92
C PHE B 18 43.96 15.83 4.64
N GLY B 19 44.29 17.12 4.58
CA GLY B 19 43.30 18.09 4.14
C GLY B 19 42.79 17.79 2.75
N GLU B 20 43.70 17.46 1.83
CA GLU B 20 43.29 17.15 0.46
C GLU B 20 42.61 15.79 0.37
N VAL B 21 43.11 14.80 1.10
CA VAL B 21 42.53 13.46 1.01
C VAL B 21 41.22 13.34 1.76
N PHE B 22 40.92 14.27 2.67
CA PHE B 22 39.68 14.23 3.44
C PHE B 22 38.68 15.29 3.00
N ASN B 23 39.12 16.31 2.28
CA ASN B 23 38.26 17.39 1.81
C ASN B 23 38.29 17.47 0.29
N ALA B 24 38.37 16.31 -0.36
CA ALA B 24 38.36 16.28 -1.82
C ALA B 24 36.99 16.67 -2.35
N THR B 25 36.97 17.60 -3.30
CA THR B 25 35.71 18.12 -3.82
C THR B 25 34.93 17.03 -4.57
N ARG B 26 35.62 16.24 -5.38
CA ARG B 26 35.00 15.23 -6.21
C ARG B 26 35.60 13.86 -5.90
N PHE B 27 34.79 12.82 -6.11
CA PHE B 27 35.20 11.44 -5.87
C PHE B 27 34.98 10.63 -7.14
N ALA B 28 35.94 9.76 -7.46
CA ALA B 28 35.88 8.96 -8.67
C ALA B 28 34.85 7.85 -8.53
N SER B 29 34.56 7.20 -9.66
CA SER B 29 33.62 6.10 -9.68
C SER B 29 34.25 4.85 -9.05
N VAL B 30 33.40 3.86 -8.76
CA VAL B 30 33.86 2.67 -8.05
C VAL B 30 34.87 1.90 -8.89
N TYR B 31 34.58 1.70 -10.17
CA TYR B 31 35.53 0.96 -11.01
C TYR B 31 36.75 1.79 -11.38
N ALA B 32 36.65 3.12 -11.34
CA ALA B 32 37.76 4.01 -11.63
C ALA B 32 38.34 4.63 -10.37
N TRP B 33 38.24 3.92 -9.25
CA TRP B 33 38.73 4.41 -7.97
C TRP B 33 40.18 4.87 -8.08
N ASN B 34 40.49 5.95 -7.35
CA ASN B 34 41.80 6.56 -7.36
C ASN B 34 42.68 5.97 -6.27
N ARG B 35 44.00 6.12 -6.46
CA ARG B 35 44.99 5.60 -5.52
C ARG B 35 46.14 6.59 -5.41
N LYS B 36 46.59 6.86 -4.19
CA LYS B 36 47.65 7.82 -3.94
C LYS B 36 48.70 7.19 -3.03
N ARG B 37 49.80 7.92 -2.84
CA ARG B 37 50.90 7.51 -1.98
C ARG B 37 51.27 8.66 -1.06
N ILE B 38 51.35 8.39 0.23
CA ILE B 38 51.66 9.40 1.24
C ILE B 38 52.86 8.95 2.06
N SER B 39 53.57 9.92 2.64
CA SER B 39 54.77 9.61 3.41
C SER B 39 55.15 10.79 4.28
N ASN B 40 56.04 10.52 5.23
CA ASN B 40 56.75 11.54 6.03
C ASN B 40 55.81 12.33 6.94
N CYS B 41 54.84 11.64 7.55
CA CYS B 41 53.87 12.28 8.44
C CYS B 41 52.96 11.21 9.03
N VAL B 42 52.09 11.63 9.94
CA VAL B 42 51.35 10.72 10.80
C VAL B 42 49.88 11.15 10.87
N ALA B 43 48.98 10.17 10.92
CA ALA B 43 47.56 10.41 11.10
C ALA B 43 47.23 10.58 12.58
N ASP B 44 46.42 11.58 12.90
CA ASP B 44 46.08 11.93 14.28
C ASP B 44 44.58 12.17 14.42
N TYR B 45 43.78 11.22 13.93
CA TYR B 45 42.34 11.35 14.02
C TYR B 45 41.90 11.40 15.48
N SER B 46 41.02 12.36 15.80
CA SER B 46 40.55 12.53 17.18
C SER B 46 39.37 11.61 17.50
N VAL B 47 38.23 11.85 16.87
CA VAL B 47 37.01 11.10 17.16
C VAL B 47 35.94 11.42 16.12
N LEU B 48 35.09 10.43 15.81
CA LEU B 48 33.78 10.65 15.20
C LEU B 48 33.86 11.04 13.73
N ASN B 50 35.08 11.24 13.20
CA ASN B 50 35.21 11.60 11.80
C ASN B 50 34.63 10.53 10.88
N SER B 51 34.56 9.29 11.36
CA SER B 51 33.84 8.23 10.65
C SER B 51 32.41 8.21 11.17
N ALA B 52 31.56 9.00 10.53
CA ALA B 52 30.17 9.11 10.97
C ALA B 52 29.44 7.77 10.84
N SER B 53 29.67 7.05 9.76
CA SER B 53 29.03 5.75 9.56
C SER B 53 29.74 4.66 10.37
N SER B 55 31.04 5.66 13.40
CA SER B 55 32.17 5.03 14.07
C SER B 55 32.50 3.68 13.43
N THR B 56 32.91 3.72 12.16
CA THR B 56 33.28 2.51 11.42
C THR B 56 34.80 2.39 11.39
N PHE B 57 35.32 1.31 11.95
CA PHE B 57 36.76 1.06 12.02
C PHE B 57 36.94 -0.45 12.14
N LYS B 58 37.28 -1.10 11.03
CA LYS B 58 37.45 -2.56 11.01
C LYS B 58 38.83 -2.89 10.45
N CYS B 59 39.84 -2.88 11.31
CA CYS B 59 41.18 -3.31 10.95
C CYS B 59 41.75 -4.16 12.08
N TYR B 60 42.54 -5.16 11.69
CA TYR B 60 42.81 -6.33 12.52
C TYR B 60 44.27 -6.40 12.97
N GLY B 61 45.21 -6.32 12.04
CA GLY B 61 46.62 -6.47 12.38
C GLY B 61 47.15 -5.41 13.31
N VAL B 62 46.41 -4.31 13.49
CA VAL B 62 46.81 -3.22 14.37
C VAL B 62 45.64 -2.87 15.28
N SER B 63 45.89 -1.97 16.22
CA SER B 63 44.89 -1.46 17.15
C SER B 63 44.66 0.03 16.91
N PRO B 64 43.43 0.52 17.14
CA PRO B 64 43.18 1.96 16.93
C PRO B 64 44.07 2.86 17.76
N THR B 65 44.44 2.43 18.97
CA THR B 65 45.32 3.23 19.82
C THR B 65 46.80 2.88 19.62
N LYS B 66 47.09 1.65 19.18
CA LYS B 66 48.46 1.21 18.99
C LYS B 66 49.02 1.56 17.61
N LEU B 67 48.16 2.03 16.70
CA LEU B 67 48.62 2.37 15.35
C LEU B 67 49.73 3.41 15.37
N ASN B 68 49.77 4.25 16.39
CA ASN B 68 50.81 5.26 16.53
C ASN B 68 52.17 4.67 16.91
N ASP B 69 52.22 3.38 17.25
CA ASP B 69 53.47 2.71 17.61
C ASP B 69 54.11 2.00 16.42
N LEU B 70 53.64 2.26 15.20
CA LEU B 70 54.09 1.55 14.02
C LEU B 70 54.45 2.52 12.91
N CYS B 71 55.31 2.05 12.00
CA CYS B 71 55.65 2.76 10.78
C CYS B 71 55.37 1.86 9.60
N PHE B 72 55.14 2.47 8.43
CA PHE B 72 54.71 1.71 7.26
C PHE B 72 55.53 2.15 6.05
N THR B 73 55.61 1.25 5.07
CA THR B 73 56.38 1.48 3.85
C THR B 73 55.51 1.87 2.67
N ASN B 74 54.50 1.06 2.35
CA ASN B 74 53.62 1.30 1.22
C ASN B 74 52.22 1.66 1.70
N VAL B 75 51.61 2.64 1.05
CA VAL B 75 50.28 3.13 1.39
C VAL B 75 49.45 3.19 0.12
N TYR B 76 48.24 2.64 0.16
CA TYR B 76 47.29 2.70 -0.95
C TYR B 76 45.97 3.25 -0.41
N ALA B 77 45.87 4.59 -0.34
CA ALA B 77 44.69 5.26 0.19
C ALA B 77 43.73 5.50 -0.97
N ASP B 78 42.69 4.68 -1.05
CA ASP B 78 41.70 4.77 -2.11
C ASP B 78 40.55 5.69 -1.70
N SER B 79 39.79 6.12 -2.70
CA SER B 79 38.65 7.02 -2.47
C SER B 79 37.59 6.77 -3.53
N PHE B 80 36.37 6.51 -3.10
CA PHE B 80 35.24 6.29 -3.99
C PHE B 80 33.95 6.45 -3.18
N VAL B 81 32.81 6.27 -3.85
CA VAL B 81 31.50 6.45 -3.22
C VAL B 81 30.64 5.22 -3.51
N ILE B 82 29.83 4.83 -2.52
CA ILE B 82 28.94 3.68 -2.64
C ILE B 82 27.60 4.07 -2.02
N ARG B 83 26.54 3.34 -2.41
CA ARG B 83 25.22 3.53 -1.84
C ARG B 83 25.16 2.90 -0.45
N GLY B 84 24.01 3.05 0.21
CA GLY B 84 23.91 2.67 1.61
C GLY B 84 24.03 1.18 1.86
N ASP B 85 23.36 0.36 1.05
CA ASP B 85 23.27 -1.06 1.34
C ASP B 85 24.62 -1.77 1.18
N GLU B 86 25.48 -1.28 0.30
CA GLU B 86 26.69 -2.00 -0.09
C GLU B 86 27.90 -1.65 0.75
N VAL B 87 27.76 -0.78 1.76
CA VAL B 87 28.90 -0.48 2.63
C VAL B 87 29.29 -1.68 3.48
N ARG B 88 28.38 -2.64 3.66
CA ARG B 88 28.72 -3.86 4.40
C ARG B 88 29.71 -4.72 3.64
N GLN B 89 29.70 -4.65 2.31
CA GLN B 89 30.49 -5.55 1.48
C GLN B 89 31.99 -5.24 1.52
N ILE B 90 32.40 -4.14 2.14
CA ILE B 90 33.83 -3.78 2.22
C ILE B 90 34.39 -4.54 3.42
N ALA B 91 34.74 -5.80 3.18
CA ALA B 91 35.28 -6.70 4.20
C ALA B 91 35.83 -7.95 3.52
N PRO B 92 36.90 -8.55 4.05
CA PRO B 92 37.46 -9.75 3.43
C PRO B 92 36.45 -10.89 3.42
N GLY B 93 36.51 -11.68 2.35
CA GLY B 93 35.61 -12.82 2.21
C GLY B 93 34.15 -12.46 2.13
N GLN B 94 33.81 -11.43 1.36
CA GLN B 94 32.45 -10.98 1.19
C GLN B 94 32.03 -11.09 -0.26
N THR B 95 30.75 -11.34 -0.49
CA THR B 95 30.18 -11.53 -1.82
C THR B 95 29.20 -10.41 -2.14
N GLY B 96 28.86 -10.30 -3.42
CA GLY B 96 27.99 -9.25 -3.91
C GLY B 96 28.62 -8.51 -5.07
N LYS B 97 27.78 -7.89 -5.91
CA LYS B 97 28.25 -7.37 -7.19
C LYS B 97 29.48 -6.50 -7.03
N ILE B 98 29.44 -5.57 -6.07
CA ILE B 98 30.61 -4.72 -5.82
C ILE B 98 31.82 -5.58 -5.50
N ALA B 99 31.66 -6.56 -4.61
CA ALA B 99 32.80 -7.35 -4.17
C ALA B 99 33.40 -8.15 -5.31
N ASP B 100 32.58 -8.87 -6.08
CA ASP B 100 33.14 -9.76 -7.09
C ASP B 100 33.64 -9.00 -8.32
N TYR B 101 33.01 -7.88 -8.68
CA TYR B 101 33.31 -7.28 -9.97
C TYR B 101 34.01 -5.93 -9.91
N ASN B 102 34.05 -5.26 -8.76
CA ASN B 102 34.61 -3.92 -8.68
C ASN B 102 35.83 -3.81 -7.79
N TYR B 103 35.75 -4.36 -6.58
CA TYR B 103 36.83 -4.21 -5.60
C TYR B 103 36.93 -5.48 -4.77
N LYS B 104 38.11 -6.09 -4.76
CA LYS B 104 38.36 -7.30 -3.98
C LYS B 104 39.63 -7.15 -3.17
N LEU B 105 39.63 -7.78 -1.99
CA LEU B 105 40.79 -7.80 -1.11
C LEU B 105 41.11 -9.23 -0.71
N PRO B 106 42.37 -9.55 -0.47
CA PRO B 106 42.73 -10.90 -0.03
C PRO B 106 42.31 -11.13 1.43
N ASP B 107 42.48 -12.37 1.86
CA ASP B 107 42.05 -12.76 3.20
C ASP B 107 42.95 -12.18 4.30
N ASP B 108 44.11 -11.62 3.93
CA ASP B 108 45.05 -11.05 4.90
C ASP B 108 45.13 -9.53 4.77
N PHE B 109 43.98 -8.89 4.53
CA PHE B 109 43.95 -7.44 4.41
C PHE B 109 44.29 -6.79 5.75
N THR B 110 45.06 -5.70 5.69
CA THR B 110 45.48 -4.96 6.89
C THR B 110 45.31 -3.47 6.59
N GLY B 111 44.17 -2.91 6.99
CA GLY B 111 43.89 -1.51 6.81
C GLY B 111 42.58 -1.09 7.44
N CYS B 112 42.53 0.12 7.99
CA CYS B 112 41.36 0.60 8.73
C CYS B 112 40.50 1.43 7.80
N VAL B 113 39.24 1.02 7.65
CA VAL B 113 38.32 1.61 6.70
C VAL B 113 37.53 2.73 7.38
N ILE B 114 37.45 3.88 6.71
CA ILE B 114 36.73 5.05 7.22
C ILE B 114 35.61 5.39 6.24
N ALA B 115 34.42 5.65 6.78
CA ALA B 115 33.27 5.98 5.96
C ALA B 115 32.38 6.97 6.71
N TRP B 116 31.79 7.91 5.98
CA TRP B 116 30.93 8.91 6.59
C TRP B 116 29.95 9.42 5.53
N ASN B 117 28.87 10.03 6.00
CA ASN B 117 27.79 10.50 5.15
C ASN B 117 28.05 11.95 4.74
N SER B 118 27.86 12.25 3.45
CA SER B 118 28.04 13.59 2.92
C SER B 118 26.88 13.95 1.99
N ASN B 119 25.66 13.70 2.46
CA ASN B 119 24.48 14.02 1.68
C ASN B 119 24.33 15.52 1.45
N ASN B 120 24.78 16.33 2.41
CA ASN B 120 24.67 17.78 2.28
C ASN B 120 25.59 18.35 1.21
N LEU B 121 26.60 17.58 0.79
CA LEU B 121 27.57 18.06 -0.19
C LEU B 121 27.54 17.32 -1.51
N ASP B 122 27.05 16.08 -1.54
CA ASP B 122 27.10 15.30 -2.77
C ASP B 122 25.72 14.87 -3.24
N SER B 123 24.76 15.81 -3.25
CA SER B 123 23.42 15.51 -3.75
C SER B 123 22.79 16.79 -4.27
N LYS B 124 21.99 16.63 -5.33
CA LYS B 124 21.29 17.75 -5.96
C LYS B 124 19.83 17.38 -6.18
N VAL B 125 18.97 18.39 -6.20
CA VAL B 125 17.54 18.18 -6.31
C VAL B 125 17.18 17.56 -7.65
N GLY B 126 17.88 17.97 -8.71
CA GLY B 126 17.57 17.49 -10.04
C GLY B 126 17.95 16.04 -10.31
N GLY B 127 18.71 15.43 -9.42
CA GLY B 127 19.15 14.05 -9.62
C GLY B 127 20.54 13.98 -10.19
N ASN B 128 21.42 13.23 -9.54
CA ASN B 128 22.82 13.12 -9.92
C ASN B 128 23.06 11.73 -10.50
N TYR B 129 23.57 11.69 -11.74
CA TYR B 129 23.88 10.43 -12.41
C TYR B 129 25.30 10.44 -12.97
N ASN B 130 26.21 11.12 -12.28
CA ASN B 130 27.60 11.24 -12.72
C ASN B 130 28.48 10.13 -12.16
N TYR B 131 27.93 9.19 -11.40
CA TYR B 131 28.70 8.13 -10.78
C TYR B 131 28.32 6.79 -11.39
N LEU B 132 29.32 5.96 -11.67
CA LEU B 132 29.15 4.71 -12.38
C LEU B 132 29.80 3.57 -11.60
N PHE B 133 29.31 2.35 -11.87
CA PHE B 133 29.93 1.16 -11.30
C PHE B 133 29.65 -0.02 -12.23
N ARG B 134 30.67 -0.83 -12.47
CA ARG B 134 30.53 -1.96 -13.38
C ARG B 134 29.59 -3.01 -12.78
N LEU B 135 28.75 -3.58 -13.64
CA LEU B 135 27.79 -4.61 -13.23
C LEU B 135 28.05 -5.97 -13.85
N PHE B 136 28.69 -6.04 -15.01
CA PHE B 136 28.93 -7.29 -15.72
C PHE B 136 30.42 -7.50 -15.92
N ARG B 137 30.88 -8.74 -15.69
CA ARG B 137 32.27 -9.09 -15.88
C ARG B 137 32.35 -10.59 -16.12
N LYS B 138 33.29 -11.00 -16.98
CA LYS B 138 33.37 -12.40 -17.37
C LYS B 138 33.90 -13.30 -16.25
N SER B 139 34.82 -12.80 -15.44
CA SER B 139 35.46 -13.61 -14.41
C SER B 139 35.64 -12.80 -13.14
N ASN B 140 35.80 -13.51 -12.03
CA ASN B 140 36.03 -12.85 -10.74
C ASN B 140 37.30 -12.02 -10.77
N LEU B 141 37.23 -10.82 -10.20
CA LEU B 141 38.34 -9.89 -10.25
C LEU B 141 39.46 -10.32 -9.31
N LYS B 142 40.69 -10.11 -9.74
CA LYS B 142 41.86 -10.32 -8.90
C LYS B 142 42.00 -9.16 -7.92
N PRO B 143 42.64 -9.40 -6.76
CA PRO B 143 42.82 -8.31 -5.79
C PRO B 143 43.65 -7.18 -6.36
N PHE B 144 43.26 -5.96 -6.02
CA PHE B 144 43.93 -4.73 -6.46
C PHE B 144 44.05 -4.67 -7.98
N GLU B 145 42.92 -4.91 -8.65
CA GLU B 145 42.84 -4.88 -10.10
C GLU B 145 41.76 -3.90 -10.53
N ARG B 146 42.04 -3.13 -11.59
CA ARG B 146 41.12 -2.14 -12.12
C ARG B 146 40.88 -2.43 -13.60
N ASP B 147 39.61 -2.47 -13.99
CA ASP B 147 39.21 -2.74 -15.37
C ASP B 147 38.45 -1.52 -15.92
N ILE B 148 39.21 -0.53 -16.41
CA ILE B 148 38.60 0.69 -16.93
C ILE B 148 38.18 0.56 -18.38
N SER B 149 38.55 -0.52 -19.06
CA SER B 149 38.17 -0.69 -20.45
C SER B 149 36.65 -0.80 -20.58
N THR B 150 36.11 -0.12 -21.58
CA THR B 150 34.67 -0.11 -21.83
C THR B 150 34.26 -1.09 -22.92
N GLU B 151 34.95 -2.22 -23.01
CA GLU B 151 34.61 -3.23 -24.00
C GLU B 151 33.22 -3.79 -23.73
N ILE B 152 32.52 -4.16 -24.81
CA ILE B 152 31.18 -4.71 -24.70
C ILE B 152 31.26 -6.11 -24.11
N TYR B 153 30.27 -6.45 -23.28
CA TYR B 153 30.15 -7.78 -22.70
C TYR B 153 29.06 -8.57 -23.44
N GLN B 154 29.34 -9.85 -23.69
CA GLN B 154 28.46 -10.72 -24.45
C GLN B 154 27.91 -11.82 -23.55
N ALA B 155 26.70 -12.28 -23.87
CA ALA B 155 26.03 -13.31 -23.08
C ALA B 155 25.46 -14.45 -23.91
N GLY B 156 25.42 -14.34 -25.23
CA GLY B 156 24.83 -15.39 -26.05
C GLY B 156 25.82 -16.05 -26.99
N SER B 157 25.31 -16.92 -27.86
CA SER B 157 26.14 -17.62 -28.83
C SER B 157 26.27 -16.85 -30.14
N THR B 158 25.13 -16.42 -30.71
CA THR B 158 25.17 -15.63 -31.93
C THR B 158 25.82 -14.27 -31.64
N PRO B 159 26.60 -13.73 -32.57
CA PRO B 159 27.34 -12.51 -32.28
C PRO B 159 26.56 -11.24 -32.62
N CYS B 160 26.53 -10.30 -31.67
CA CYS B 160 25.94 -9.00 -31.93
C CYS B 160 26.82 -8.20 -32.88
N ASN B 161 26.18 -7.35 -33.68
CA ASN B 161 26.84 -6.62 -34.75
C ASN B 161 26.86 -5.12 -34.48
N GLY B 162 27.17 -4.73 -33.25
CA GLY B 162 27.25 -3.34 -32.87
C GLY B 162 25.95 -2.74 -32.37
N VAL B 163 24.84 -3.48 -32.45
CA VAL B 163 23.55 -3.03 -31.95
C VAL B 163 23.31 -3.71 -30.61
N GLU B 164 23.04 -2.91 -29.58
CA GLU B 164 22.92 -3.42 -28.23
C GLU B 164 21.58 -4.12 -28.05
N GLY B 165 21.43 -4.77 -26.89
CA GLY B 165 20.23 -5.53 -26.59
C GLY B 165 20.26 -6.90 -27.23
N PHE B 166 19.28 -7.72 -26.82
CA PHE B 166 19.15 -9.10 -27.30
C PHE B 166 20.42 -9.90 -27.01
N ASN B 167 20.65 -10.08 -25.70
CA ASN B 167 21.71 -10.92 -25.15
C ASN B 167 23.11 -10.32 -25.27
N CYS B 168 23.21 -9.00 -25.40
CA CYS B 168 24.49 -8.30 -25.26
C CYS B 168 24.21 -6.94 -24.64
N TYR B 169 24.63 -6.76 -23.39
CA TYR B 169 24.29 -5.59 -22.60
C TYR B 169 25.53 -4.74 -22.33
N PHE B 170 25.31 -3.43 -22.26
CA PHE B 170 26.37 -2.53 -21.80
C PHE B 170 26.62 -2.76 -20.32
N PRO B 171 27.87 -2.85 -19.89
CA PRO B 171 28.16 -3.20 -18.50
C PRO B 171 27.75 -2.15 -17.47
N LEU B 172 28.15 -0.90 -17.71
CA LEU B 172 28.09 0.13 -16.67
C LEU B 172 26.64 0.49 -16.33
N GLN B 173 26.47 1.08 -15.15
CA GLN B 173 25.16 1.48 -14.65
C GLN B 173 25.34 2.64 -13.68
N SER B 174 24.38 3.57 -13.71
CA SER B 174 24.47 4.78 -12.91
C SER B 174 23.92 4.56 -11.49
N TYR B 175 24.20 5.51 -10.62
CA TYR B 175 23.76 5.45 -9.22
C TYR B 175 22.39 6.09 -9.04
N GLY B 176 22.26 7.37 -9.38
CA GLY B 176 21.01 8.09 -9.23
C GLY B 176 20.74 8.56 -7.81
N PHE B 177 21.58 9.47 -7.32
CA PHE B 177 21.45 9.99 -5.96
C PHE B 177 20.46 11.15 -5.93
N GLN B 178 19.68 11.20 -4.84
CA GLN B 178 18.66 12.21 -4.62
C GLN B 178 18.80 12.74 -3.21
N PRO B 179 18.28 13.94 -2.93
CA PRO B 179 18.40 14.50 -1.58
C PRO B 179 17.32 14.07 -0.60
N THR B 180 16.21 13.51 -1.06
CA THR B 180 15.09 13.17 -0.19
C THR B 180 15.02 11.68 0.15
N ASN B 181 15.93 10.86 -0.38
CA ASN B 181 15.89 9.43 -0.09
C ASN B 181 16.36 9.16 1.34
N GLY B 182 16.13 7.93 1.79
CA GLY B 182 16.44 7.56 3.15
C GLY B 182 17.92 7.29 3.36
N VAL B 183 18.25 6.90 4.59
CA VAL B 183 19.63 6.61 4.95
C VAL B 183 20.14 5.40 4.18
N GLY B 184 19.28 4.42 3.93
CA GLY B 184 19.68 3.20 3.23
C GLY B 184 20.15 3.44 1.81
N TYR B 185 19.87 4.61 1.25
CA TYR B 185 20.35 4.96 -0.09
C TYR B 185 21.18 6.24 -0.09
N GLN B 186 21.55 6.74 1.09
CA GLN B 186 22.35 7.96 1.15
C GLN B 186 23.80 7.65 0.75
N PRO B 187 24.45 8.55 0.02
CA PRO B 187 25.83 8.30 -0.40
C PRO B 187 26.82 8.56 0.73
N TYR B 188 27.76 7.62 0.91
CA TYR B 188 28.87 7.80 1.84
C TYR B 188 30.19 7.71 1.07
N ARG B 189 31.09 8.64 1.37
CA ARG B 189 32.46 8.53 0.88
C ARG B 189 33.20 7.48 1.70
N VAL B 190 34.08 6.72 1.04
CA VAL B 190 34.79 5.62 1.66
C VAL B 190 36.28 5.78 1.40
N VAL B 191 37.08 5.68 2.45
CA VAL B 191 38.54 5.76 2.38
C VAL B 191 39.11 4.50 3.00
N VAL B 192 40.05 3.86 2.29
CA VAL B 192 40.73 2.68 2.77
C VAL B 192 42.19 3.03 2.98
N LEU B 193 42.70 2.81 4.18
CA LEU B 193 44.07 3.16 4.53
C LEU B 193 44.93 1.91 4.50
N SER B 194 45.42 1.55 3.32
CA SER B 194 46.27 0.38 3.18
C SER B 194 47.67 0.67 3.72
N PHE B 195 48.27 -0.34 4.35
CA PHE B 195 49.62 -0.23 4.86
C PHE B 195 50.27 -1.61 4.86
N GLU B 196 51.59 -1.62 4.88
CA GLU B 196 52.35 -2.87 4.94
C GLU B 196 53.76 -2.58 5.44
N LEU B 197 54.34 -3.57 6.11
CA LEU B 197 55.68 -3.46 6.68
C LEU B 197 56.59 -4.46 5.99
N LEU B 198 57.65 -3.96 5.34
CA LEU B 198 58.62 -4.80 4.67
C LEU B 198 60.04 -4.27 4.87
N HIS B 199 60.99 -4.78 4.09
CA HIS B 199 62.37 -4.34 4.18
C HIS B 199 62.58 -2.93 3.65
N ALA B 200 61.57 -2.34 3.01
CA ALA B 200 61.71 -0.99 2.48
C ALA B 200 61.91 0.00 3.63
N PRO B 201 62.63 1.09 3.39
CA PRO B 201 62.87 2.08 4.45
C PRO B 201 61.58 2.75 4.90
N ALA B 202 61.58 3.20 6.15
CA ALA B 202 60.41 3.85 6.72
C ALA B 202 60.06 5.11 5.94
N THR B 203 58.77 5.27 5.65
CA THR B 203 58.30 6.40 4.86
C THR B 203 57.29 7.23 5.65
N VAL B 204 56.57 6.59 6.56
CA VAL B 204 55.55 7.25 7.37
C VAL B 204 56.03 7.27 8.82
N CYS B 205 56.02 8.45 9.42
CA CYS B 205 56.46 8.63 10.79
C CYS B 205 55.27 8.55 11.75
N GLY B 206 55.54 8.80 13.03
CA GLY B 206 54.51 8.76 14.04
C GLY B 206 54.51 10.00 14.91
N PRO B 207 53.75 9.98 16.01
CA PRO B 207 53.75 11.12 16.95
C PRO B 207 54.97 11.10 17.86
N LYS B 208 56.14 11.29 17.25
CA LYS B 208 57.40 11.27 17.98
C LYS B 208 57.57 12.53 18.82
#